data_6FKM
#
_entry.id   6FKM
#
_cell.length_a   130.940
_cell.length_b   195.090
_cell.length_c   124.840
_cell.angle_alpha   90.00
_cell.angle_beta   90.00
_cell.angle_gamma   90.00
#
_symmetry.space_group_name_H-M   'C 2 2 21'
#
loop_
_entity.id
_entity.type
_entity.pdbx_description
1 polymer 'Plexin A, isoform A'
2 polymer MIP07328p
3 branched alpha-D-mannopyranose-(1-3)-[alpha-D-mannopyranose-(1-6)]beta-D-mannopyranose-(1-4)-2-acetamido-2-deoxy-beta-D-glucopyranose-(1-4)-2-acetamido-2-deoxy-beta-D-glucopyranose
4 non-polymer 2-acetamido-2-deoxy-beta-D-glucopyranose
#
loop_
_entity_poly.entity_id
_entity_poly.type
_entity_poly.pdbx_seq_one_letter_code
_entity_poly.pdbx_strand_id
1 'polypeptide(L)'
;ETGQTLAANIWSDKTTAQNEPINLTNANAPIKNAKNLNSTITNVAAFDTKLNHLLVDTITGRVFVGGVNRLYQLSPDLEL
SETVKTGPQNDSVECSILDCPLNAVRSPTDNYNKVLLIDRATSRLIACGSLFQGTCTVRNLQNVSIIEHEVPDAVVANDA
NSSTVAFIAPGPPQHPVTNVMYVGVTYTNNSPYRSEIPAVASRSLEKTKMFQIASSAVTTGTRTFINSYARETYFVNYVY
GFSSERFSYFLTTQLKHSHHSSPKEYITKLVRICQEDSNYYSYTEIPVECISDAQGGTKFNLVQAGFLGKPSSDLAQSLG
ISIQDDVLFAVFSKGEGNTPTNNSALCIYSLKSIRRKFMQNIKSCFNGSGMRGLDFISPSMPCVLTKLQTIGEDFCGLDV
NSPLGGETPITSVPVAMFNTKLTSVAATSTSGYTVVFVGTSDGFLKKVVIESSSIANEYASFAVDLGSEINRDMQFDNQN
LYIYVMSKTKVSKVKVFDCSDYKTCGDCLGARDPYCGWCSLENKCSPRSNCQDDANDPLYWVSYKTGKCTTITSVVPHQL
QRTTARTLELIIDHLPQLKENLICAFTTEDKALFTNATKKRNGVNCTTPRTDMLPQIEQGKHHFTAKLSVRTRNGPDLVS
TDFTFFDCSTHSSCTRCVSSEFPCDWCVEAHRCTHDTAENCRNDILVTGVSRIGPSYRSGPGFCPTGTKHHHHHH
;
A
2 'polypeptide(L)'
;ETGDVKPDLQTKQDKVLAHFIGNSTDYFKILDHNDEFVLVGAKDVIYNVSLNGLKEIARLEWHSTDADRELCALKGKHEW
DCHNYLRVYALRPNGEVLLCGTNSYKPRCRHYTPVEVSSEEAGSAGHAHAMRYEVSRDVEAQGLCPYSPAHNSTYAFADG
HLYSATVADFSGGDPLIYRENLRTEQYDLKQLNQPDFVGAIERNGYVLFFFRELSMEVMNFGKAVYSRVARVCKNDRGGP
YSHGKSWTSFLKARLNCSVPGEFPFYFDEIQAISPIVESGSKSLIYAVFTTSVNAIPGSAVCAFNVDDILAAFDGEFKSQ
KDSQSHWLPVEREQVPKPRPGQCVEDSRTLTSIAVNFIKNHPLMEEAVPAVHGRPLLTKVNLHHRLTAIAVHPQVKSLSG
AYYDVIYSGTDDGKVTKFINILSTHPNSTVDRLKTVVISEMQVLPLGTPIRELVISTSKNSLVVVSDGSLVSVPLHHCSH
IVDCLGCLSLQDPICAWDLQTHECKNLATSQHKFGTKTYLQSLNSTKKAAALLCPHIPRDAPGAETVSFVTMAPPPTEEQ
KLLYSNVGSGTKHHHHHH
;
B
#
loop_
_chem_comp.id
_chem_comp.type
_chem_comp.name
_chem_comp.formula
BMA D-saccharide, beta linking beta-D-mannopyranose 'C6 H12 O6'
MAN D-saccharide, alpha linking alpha-D-mannopyranose 'C6 H12 O6'
NAG D-saccharide, beta linking 2-acetamido-2-deoxy-beta-D-glucopyranose 'C8 H15 N O6'
#
# COMPACT_ATOMS: atom_id res chain seq x y z
N ASN A 38 44.06 23.76 -27.50
CA ASN A 38 44.41 22.40 -27.08
C ASN A 38 44.07 21.42 -28.20
N SER A 39 44.93 20.41 -28.38
CA SER A 39 44.74 19.42 -29.43
C SER A 39 43.93 18.22 -28.97
N THR A 40 43.81 17.98 -27.66
CA THR A 40 43.01 16.86 -27.19
C THR A 40 41.52 17.13 -27.32
N ILE A 41 41.11 18.40 -27.19
CA ILE A 41 39.72 18.79 -27.33
C ILE A 41 39.47 19.19 -28.78
N THR A 42 38.47 18.56 -29.40
CA THR A 42 38.23 18.68 -30.83
C THR A 42 37.23 19.79 -31.15
N ASN A 43 36.00 19.65 -30.66
CA ASN A 43 34.96 20.64 -30.86
C ASN A 43 34.46 21.13 -29.51
N VAL A 44 34.09 22.40 -29.46
CA VAL A 44 33.49 23.00 -28.29
C VAL A 44 32.26 23.78 -28.73
N ALA A 45 31.11 23.47 -28.14
CA ALA A 45 29.86 24.19 -28.40
C ALA A 45 29.42 24.90 -27.13
N ALA A 46 29.33 26.22 -27.18
CA ALA A 46 28.89 27.01 -26.06
C ALA A 46 27.43 27.41 -26.25
N PHE A 47 26.61 27.15 -25.24
CA PHE A 47 25.18 27.41 -25.29
C PHE A 47 24.81 28.60 -24.41
N ASP A 48 23.63 29.16 -24.70
CA ASP A 48 23.22 30.40 -24.04
C ASP A 48 22.61 30.18 -22.66
N THR A 49 22.08 29.00 -22.41
CA THR A 49 21.41 28.71 -21.15
C THR A 49 22.21 27.67 -20.38
N LYS A 50 21.69 27.34 -19.19
CA LYS A 50 22.26 26.26 -18.37
C LYS A 50 21.75 24.92 -18.86
N LEU A 51 22.66 23.97 -19.03
CA LEU A 51 22.34 22.67 -19.62
C LEU A 51 22.06 21.64 -18.55
N ASN A 52 21.10 20.75 -18.82
CA ASN A 52 20.61 19.78 -17.84
C ASN A 52 20.89 18.33 -18.22
N HIS A 53 20.79 17.98 -19.50
CA HIS A 53 20.95 16.59 -19.91
C HIS A 53 21.61 16.53 -21.27
N LEU A 54 22.06 15.32 -21.62
CA LEU A 54 22.83 15.06 -22.83
C LEU A 54 22.69 13.61 -23.20
N LEU A 55 22.28 13.32 -24.43
CA LEU A 55 22.30 11.95 -24.92
C LEU A 55 22.79 11.94 -26.36
N VAL A 56 23.37 10.81 -26.76
CA VAL A 56 23.83 10.59 -28.12
C VAL A 56 23.03 9.44 -28.71
N ASP A 57 22.54 9.64 -29.94
CA ASP A 57 21.90 8.58 -30.70
C ASP A 57 22.93 7.50 -31.04
N THR A 58 22.65 6.26 -30.63
CA THR A 58 23.64 5.18 -30.73
C THR A 58 23.92 4.77 -32.17
N ILE A 59 23.04 5.09 -33.12
CA ILE A 59 23.24 4.68 -34.50
C ILE A 59 23.57 5.86 -35.43
N THR A 60 23.03 7.06 -35.17
CA THR A 60 23.30 8.22 -36.01
C THR A 60 24.31 9.18 -35.39
N GLY A 61 24.64 9.01 -34.12
CA GLY A 61 25.63 9.84 -33.47
C GLY A 61 25.25 11.29 -33.30
N ARG A 62 24.03 11.66 -33.64
CA ARG A 62 23.52 13.00 -33.36
C ARG A 62 23.49 13.25 -31.86
N VAL A 63 23.67 14.51 -31.49
CA VAL A 63 23.73 14.91 -30.09
C VAL A 63 22.50 15.73 -29.74
N PHE A 64 21.87 15.39 -28.62
CA PHE A 64 20.71 16.11 -28.12
C PHE A 64 21.03 16.68 -26.75
N VAL A 65 20.77 17.98 -26.58
CA VAL A 65 21.08 18.69 -25.34
C VAL A 65 19.80 19.33 -24.82
N GLY A 66 19.44 19.02 -23.58
CA GLY A 66 18.29 19.60 -22.92
C GLY A 66 18.74 20.56 -21.82
N GLY A 67 18.24 21.79 -21.90
CA GLY A 67 18.66 22.82 -20.97
C GLY A 67 17.49 23.64 -20.47
N VAL A 68 17.82 24.61 -19.62
CA VAL A 68 16.82 25.50 -19.05
C VAL A 68 16.24 26.37 -20.15
N ASN A 69 14.93 26.28 -20.34
CA ASN A 69 14.18 27.03 -21.34
C ASN A 69 14.59 26.70 -22.76
N ARG A 70 15.40 25.68 -22.97
CA ARG A 70 15.94 25.40 -24.29
C ARG A 70 15.99 23.90 -24.54
N LEU A 71 16.21 23.56 -25.81
CA LEU A 71 16.34 22.18 -26.28
C LEU A 71 17.05 22.13 -27.64
N TYR A 72 18.27 21.57 -27.70
CA TYR A 72 19.10 21.66 -28.89
C TYR A 72 19.37 20.29 -29.51
N GLN A 73 19.52 20.27 -30.83
CA GLN A 73 19.94 19.09 -31.58
C GLN A 73 21.21 19.43 -32.36
N LEU A 74 22.18 18.53 -32.34
CA LEU A 74 23.45 18.80 -33.00
C LEU A 74 23.90 17.56 -33.77
N SER A 75 24.86 17.79 -34.65
CA SER A 75 25.49 16.74 -35.43
C SER A 75 26.60 16.10 -34.59
N PRO A 76 27.16 14.98 -35.04
CA PRO A 76 28.20 14.31 -34.24
C PRO A 76 29.42 15.16 -33.99
N ASP A 77 29.59 16.26 -34.71
CA ASP A 77 30.68 17.21 -34.52
C ASP A 77 30.23 18.48 -33.79
N LEU A 78 29.13 18.40 -33.03
CA LEU A 78 28.62 19.50 -32.23
C LEU A 78 28.26 20.72 -33.06
N GLU A 79 27.86 20.50 -34.31
CA GLU A 79 27.33 21.57 -35.17
C GLU A 79 25.82 21.67 -34.93
N LEU A 80 25.35 22.88 -34.69
CA LEU A 80 23.95 23.06 -34.30
C LEU A 80 23.04 22.84 -35.51
N SER A 81 22.03 21.98 -35.33
CA SER A 81 21.01 21.73 -36.34
C SER A 81 19.70 22.44 -36.01
N GLU A 82 19.13 22.17 -34.84
CA GLU A 82 17.87 22.78 -34.44
C GLU A 82 17.95 23.25 -33.01
N THR A 83 17.14 24.27 -32.70
CA THR A 83 17.03 24.79 -31.33
C THR A 83 15.57 25.10 -31.07
N VAL A 84 15.09 24.72 -29.88
CA VAL A 84 13.68 24.81 -29.53
C VAL A 84 13.55 25.63 -28.26
N LYS A 85 12.71 26.66 -28.29
CA LYS A 85 12.42 27.49 -27.12
C LYS A 85 11.28 26.84 -26.34
N THR A 86 11.57 26.38 -25.12
CA THR A 86 10.59 25.68 -24.28
C THR A 86 10.06 26.53 -23.14
N GLY A 87 10.55 27.76 -23.00
CA GLY A 87 10.13 28.62 -21.92
C GLY A 87 10.72 30.00 -22.07
N PRO A 88 10.33 30.92 -21.18
CA PRO A 88 9.41 30.67 -20.07
C PRO A 88 7.93 30.81 -20.42
N GLN A 89 7.06 30.21 -19.60
CA GLN A 89 5.61 30.28 -19.77
C GLN A 89 4.97 30.68 -18.44
N ASN A 90 3.73 31.19 -18.51
CA ASN A 90 2.96 31.43 -17.29
C ASN A 90 2.60 30.11 -16.60
N ASP A 91 2.99 29.97 -15.34
CA ASP A 91 2.70 28.76 -14.58
C ASP A 91 2.90 29.04 -13.09
N SER A 92 2.03 28.45 -12.28
CA SER A 92 2.19 28.42 -10.83
C SER A 92 2.25 26.97 -10.37
N VAL A 93 3.00 26.72 -9.29
CA VAL A 93 3.07 25.38 -8.73
C VAL A 93 1.75 24.98 -8.06
N GLU A 94 0.96 25.95 -7.61
CA GLU A 94 -0.33 25.72 -6.99
C GLU A 94 -1.39 25.27 -7.99
N CYS A 95 -1.17 25.44 -9.28
CA CYS A 95 -2.19 25.21 -10.29
C CYS A 95 -1.75 24.09 -11.23
N SER A 96 -2.75 23.36 -11.74
CA SER A 96 -2.54 22.43 -12.84
C SER A 96 -2.82 23.16 -14.15
N ILE A 97 -2.87 22.41 -15.25
CA ILE A 97 -3.16 23.01 -16.55
C ILE A 97 -4.64 23.37 -16.65
N LEU A 98 -5.51 22.54 -16.08
CA LEU A 98 -6.95 22.69 -16.27
C LEU A 98 -7.58 23.63 -15.25
N ASP A 99 -7.10 23.65 -14.02
CA ASP A 99 -7.70 24.44 -12.94
C ASP A 99 -6.61 25.22 -12.20
N CYS A 100 -6.97 26.42 -11.77
CA CYS A 100 -6.08 27.29 -11.00
C CYS A 100 -6.87 27.82 -9.81
N PRO A 101 -6.64 27.30 -8.61
CA PRO A 101 -7.46 27.69 -7.46
C PRO A 101 -7.44 29.18 -7.20
N LEU A 102 -8.43 29.62 -6.41
CA LEU A 102 -8.63 31.04 -6.18
C LEU A 102 -7.43 31.65 -5.46
N ASN A 103 -7.22 32.95 -5.70
CA ASN A 103 -6.16 33.76 -5.10
C ASN A 103 -4.76 33.33 -5.54
N ALA A 104 -4.65 32.49 -6.56
CA ALA A 104 -3.36 32.09 -7.12
C ALA A 104 -3.28 32.52 -8.57
N VAL A 105 -2.13 33.04 -8.97
CA VAL A 105 -1.94 33.60 -10.30
C VAL A 105 -0.73 32.96 -10.96
N ARG A 106 -0.86 32.68 -12.26
CA ARG A 106 0.24 32.14 -13.02
C ARG A 106 1.23 33.25 -13.36
N SER A 107 2.51 32.94 -13.23
CA SER A 107 3.60 33.88 -13.49
C SER A 107 4.65 33.20 -14.35
N PRO A 108 5.40 33.97 -15.15
CA PRO A 108 6.42 33.37 -16.02
C PRO A 108 7.52 32.67 -15.21
N THR A 109 7.70 31.39 -15.49
CA THR A 109 8.67 30.55 -14.79
C THR A 109 9.48 29.75 -15.80
N ASP A 110 10.70 29.41 -15.40
CA ASP A 110 11.63 28.71 -16.27
C ASP A 110 11.20 27.24 -16.40
N ASN A 111 11.69 26.60 -17.47
CA ASN A 111 11.30 25.24 -17.84
C ASN A 111 12.54 24.35 -17.84
N TYR A 112 12.86 23.78 -16.68
CA TYR A 112 14.06 22.96 -16.56
C TYR A 112 13.81 21.59 -17.17
N ASN A 113 14.69 21.19 -18.08
CA ASN A 113 14.54 19.88 -18.71
C ASN A 113 14.95 18.78 -17.75
N LYS A 114 14.06 17.81 -17.55
CA LYS A 114 14.28 16.76 -16.55
C LYS A 114 14.49 15.38 -17.15
N VAL A 115 13.96 15.14 -18.34
CA VAL A 115 14.09 13.84 -19.00
C VAL A 115 14.41 14.08 -20.46
N LEU A 116 15.34 13.28 -20.98
CA LEU A 116 15.66 13.29 -22.40
C LEU A 116 15.89 11.85 -22.81
N LEU A 117 15.07 11.33 -23.74
CA LEU A 117 15.09 9.92 -24.10
C LEU A 117 14.75 9.71 -25.57
N ILE A 118 15.28 8.63 -26.13
CA ILE A 118 15.02 8.23 -27.51
C ILE A 118 14.33 6.88 -27.51
N ASP A 119 13.24 6.75 -28.28
CA ASP A 119 12.62 5.46 -28.54
C ASP A 119 13.14 4.91 -29.85
N ARG A 120 13.61 3.67 -29.83
CA ARG A 120 14.20 3.08 -31.02
C ARG A 120 13.15 2.45 -31.94
N ALA A 121 12.17 1.73 -31.37
CA ALA A 121 11.15 1.09 -32.19
C ALA A 121 10.42 2.10 -33.06
N THR A 122 9.97 3.20 -32.46
CA THR A 122 9.33 4.29 -33.18
C THR A 122 10.23 5.51 -33.08
N SER A 123 10.66 6.01 -34.22
CA SER A 123 11.61 7.12 -34.25
C SER A 123 10.95 8.38 -33.68
N ARG A 124 11.22 8.65 -32.40
CA ARG A 124 10.64 9.82 -31.74
C ARG A 124 11.41 10.12 -30.46
N LEU A 125 11.60 11.41 -30.18
CA LEU A 125 12.35 11.84 -29.01
C LEU A 125 11.38 12.23 -27.90
N ILE A 126 11.73 11.90 -26.67
CA ILE A 126 10.92 12.23 -25.51
C ILE A 126 11.68 13.25 -24.67
N ALA A 127 11.04 14.39 -24.41
CA ALA A 127 11.59 15.44 -23.58
C ALA A 127 10.55 15.85 -22.56
N CYS A 128 10.93 15.87 -21.28
CA CYS A 128 10.03 16.29 -20.22
C CYS A 128 10.58 17.54 -19.53
N GLY A 129 9.69 18.48 -19.26
CA GLY A 129 10.03 19.72 -18.59
C GLY A 129 9.44 19.80 -17.19
N SER A 130 9.88 20.84 -16.47
CA SER A 130 9.44 21.03 -15.09
C SER A 130 8.10 21.73 -15.00
N LEU A 131 7.68 22.48 -16.01
CA LEU A 131 6.43 23.24 -15.95
C LEU A 131 5.22 22.30 -15.92
N PHE A 132 4.10 22.85 -15.46
CA PHE A 132 2.79 22.22 -15.59
C PHE A 132 2.74 20.87 -14.90
N GLN A 133 3.35 20.79 -13.71
CA GLN A 133 3.41 19.58 -12.89
C GLN A 133 4.24 18.48 -13.55
N GLY A 134 5.24 18.82 -14.34
CA GLY A 134 6.11 17.80 -14.94
C GLY A 134 5.58 17.11 -16.17
N THR A 135 5.43 17.86 -17.25
CA THR A 135 4.84 17.39 -18.50
C THR A 135 5.90 16.90 -19.47
N CYS A 136 5.59 15.84 -20.21
CA CYS A 136 6.45 15.33 -21.28
C CYS A 136 5.87 15.68 -22.65
N THR A 137 6.75 15.99 -23.60
CA THR A 137 6.38 16.16 -25.00
C THR A 137 7.06 15.09 -25.83
N VAL A 138 6.48 14.75 -26.97
CA VAL A 138 7.03 13.74 -27.85
C VAL A 138 7.36 14.41 -29.18
N ARG A 139 8.65 14.50 -29.48
CA ARG A 139 9.13 15.24 -30.63
C ARG A 139 9.77 14.29 -31.64
N ASN A 140 9.75 14.70 -32.91
CA ASN A 140 10.32 13.89 -33.98
C ASN A 140 11.84 13.85 -33.88
N LEU A 141 12.41 12.68 -34.18
CA LEU A 141 13.85 12.49 -34.04
C LEU A 141 14.63 13.20 -35.14
N GLN A 142 14.12 13.21 -36.38
CA GLN A 142 14.84 13.90 -37.45
C GLN A 142 14.88 15.40 -37.20
N ASN A 143 13.82 15.95 -36.63
CA ASN A 143 13.69 17.40 -36.45
C ASN A 143 12.99 17.63 -35.12
N VAL A 144 13.76 18.00 -34.10
CA VAL A 144 13.22 18.10 -32.75
C VAL A 144 12.24 19.26 -32.61
N SER A 145 12.20 20.17 -33.58
CA SER A 145 11.28 21.29 -33.51
C SER A 145 9.83 20.85 -33.67
N ILE A 146 9.60 19.68 -34.24
CA ILE A 146 8.26 19.17 -34.52
C ILE A 146 7.73 18.45 -33.29
N ILE A 147 6.52 18.84 -32.87
CA ILE A 147 5.81 18.17 -31.77
C ILE A 147 4.83 17.19 -32.39
N GLU A 148 4.93 15.92 -32.03
CA GLU A 148 4.03 14.91 -32.56
C GLU A 148 2.89 14.58 -31.62
N HIS A 149 3.13 14.60 -30.31
CA HIS A 149 2.10 14.27 -29.33
C HIS A 149 2.37 15.08 -28.08
N GLU A 150 1.33 15.73 -27.57
CA GLU A 150 1.42 16.51 -26.34
C GLU A 150 0.52 15.87 -25.29
N VAL A 151 1.14 15.42 -24.19
CA VAL A 151 0.38 14.76 -23.13
C VAL A 151 0.20 15.72 -21.96
N PRO A 152 -0.90 15.64 -21.23
CA PRO A 152 -1.05 16.47 -20.02
C PRO A 152 -0.71 15.76 -18.71
N ASP A 153 -0.32 14.49 -18.77
CA ASP A 153 -0.10 13.70 -17.56
C ASP A 153 1.09 14.21 -16.76
N ALA A 154 0.91 14.29 -15.45
CA ALA A 154 2.00 14.64 -14.53
C ALA A 154 2.91 13.44 -14.37
N VAL A 155 4.16 13.58 -14.81
CA VAL A 155 5.04 12.42 -14.92
C VAL A 155 6.34 12.66 -14.17
N VAL A 156 6.83 13.89 -14.18
CA VAL A 156 8.19 14.23 -13.78
C VAL A 156 8.15 15.32 -12.72
N ALA A 157 9.22 15.39 -11.91
CA ALA A 157 9.34 16.43 -10.88
C ALA A 157 9.25 17.82 -11.48
N ASN A 158 8.37 18.66 -10.91
CA ASN A 158 8.18 20.04 -11.33
C ASN A 158 9.11 21.01 -10.59
N ASP A 159 10.06 20.49 -9.84
CA ASP A 159 11.07 21.31 -9.20
C ASP A 159 12.22 21.56 -10.18
N ALA A 160 13.12 22.48 -9.81
CA ALA A 160 14.32 22.70 -10.59
C ALA A 160 15.49 21.85 -10.13
N ASN A 161 15.47 21.39 -8.87
CA ASN A 161 16.57 20.63 -8.27
C ASN A 161 16.18 19.25 -7.78
N SER A 162 14.89 18.87 -7.83
CA SER A 162 14.48 17.53 -7.39
C SER A 162 14.76 16.52 -8.50
N SER A 163 15.38 15.40 -8.15
CA SER A 163 15.91 14.50 -9.17
C SER A 163 14.79 13.87 -9.99
N THR A 164 15.16 13.36 -11.16
CA THR A 164 14.27 12.55 -11.99
C THR A 164 15.12 11.72 -12.91
N VAL A 165 14.90 10.41 -12.89
CA VAL A 165 15.70 9.42 -13.64
C VAL A 165 14.77 8.61 -14.51
N ALA A 166 15.09 8.51 -15.80
CA ALA A 166 14.22 7.82 -16.74
C ALA A 166 15.04 7.04 -17.77
N PHE A 167 14.72 5.76 -17.94
CA PHE A 167 15.29 4.95 -18.99
C PHE A 167 14.20 4.07 -19.58
N ILE A 168 14.45 3.58 -20.78
CA ILE A 168 13.51 2.74 -21.51
C ILE A 168 14.06 1.32 -21.52
N ALA A 169 13.19 0.35 -21.23
CA ALA A 169 13.59 -1.05 -21.12
C ALA A 169 12.34 -1.91 -21.28
N PRO A 170 12.51 -3.22 -21.52
CA PRO A 170 11.35 -4.11 -21.64
C PRO A 170 10.46 -4.09 -20.41
N GLY A 171 9.17 -4.36 -20.63
CA GLY A 171 8.20 -4.42 -19.56
C GLY A 171 6.83 -4.90 -20.00
N PRO A 172 5.88 -4.87 -19.08
CA PRO A 172 4.48 -5.17 -19.41
C PRO A 172 3.85 -4.03 -20.21
N PRO A 173 2.56 -4.10 -20.59
CA PRO A 173 1.48 -5.08 -20.38
C PRO A 173 1.73 -6.40 -21.08
N GLN A 174 2.12 -6.34 -22.35
CA GLN A 174 2.46 -7.54 -23.08
C GLN A 174 3.75 -8.15 -22.52
N HIS A 175 3.93 -9.45 -22.77
CA HIS A 175 5.19 -10.10 -22.45
C HIS A 175 6.32 -9.35 -23.17
N PRO A 176 7.57 -9.45 -22.67
CA PRO A 176 8.57 -8.39 -22.93
C PRO A 176 8.93 -8.17 -24.38
N VAL A 177 7.93 -7.96 -25.26
CA VAL A 177 8.18 -7.52 -26.62
C VAL A 177 7.97 -6.02 -26.78
N THR A 178 7.32 -5.38 -25.81
CA THR A 178 7.12 -3.93 -25.81
C THR A 178 7.97 -3.31 -24.72
N ASN A 179 8.58 -2.17 -25.03
CA ASN A 179 9.38 -1.44 -24.07
C ASN A 179 8.51 -0.45 -23.31
N VAL A 180 8.94 -0.11 -22.10
CA VAL A 180 8.25 0.87 -21.27
C VAL A 180 9.28 1.87 -20.76
N MET A 181 8.78 2.93 -20.13
CA MET A 181 9.63 3.95 -19.52
C MET A 181 9.58 3.78 -18.01
N TYR A 182 10.70 3.40 -17.41
CA TYR A 182 10.84 3.38 -15.96
C TYR A 182 11.25 4.77 -15.49
N VAL A 183 10.45 5.37 -14.61
CA VAL A 183 10.69 6.73 -14.12
C VAL A 183 10.78 6.71 -12.60
N GLY A 184 11.70 7.51 -12.07
CA GLY A 184 11.81 7.72 -10.64
C GLY A 184 11.87 9.18 -10.29
N VAL A 185 10.92 9.65 -9.50
CA VAL A 185 10.71 11.07 -9.26
C VAL A 185 10.76 11.36 -7.76
N THR A 186 11.41 12.46 -7.40
CA THR A 186 11.44 12.95 -6.03
C THR A 186 10.21 13.80 -5.74
N TYR A 187 9.69 13.70 -4.51
CA TYR A 187 8.51 14.43 -4.09
C TYR A 187 8.88 15.90 -3.84
N THR A 188 8.45 16.80 -4.73
CA THR A 188 8.87 18.21 -4.64
C THR A 188 8.18 18.95 -3.49
N ASN A 189 7.05 18.46 -3.01
CA ASN A 189 6.42 19.01 -1.81
C ASN A 189 6.03 20.47 -2.01
N ASN A 190 5.49 20.80 -3.18
CA ASN A 190 5.13 22.18 -3.47
C ASN A 190 3.72 22.32 -4.01
N SER A 191 2.95 21.25 -4.03
CA SER A 191 1.62 21.32 -4.62
C SER A 191 0.80 20.17 -4.09
N PRO A 192 -0.53 20.31 -4.01
CA PRO A 192 -1.36 19.14 -3.71
C PRO A 192 -1.35 18.12 -4.82
N TYR A 193 -1.21 18.54 -6.08
CA TYR A 193 -1.16 17.62 -7.19
C TYR A 193 0.06 16.71 -7.17
N ARG A 194 1.02 16.94 -6.28
CA ARG A 194 2.24 16.15 -6.26
C ARG A 194 2.03 14.76 -5.66
N SER A 195 1.02 14.58 -4.81
CA SER A 195 0.76 13.27 -4.23
C SER A 195 0.37 12.26 -5.30
N GLU A 196 -0.25 12.73 -6.38
CA GLU A 196 -0.69 11.85 -7.46
C GLU A 196 0.46 11.12 -8.16
N ILE A 197 1.67 11.68 -8.15
CA ILE A 197 2.83 11.16 -8.90
C ILE A 197 3.60 10.09 -8.12
N PRO A 198 3.83 8.91 -8.69
CA PRO A 198 4.55 7.85 -7.97
C PRO A 198 6.02 8.19 -7.82
N ALA A 199 6.67 7.44 -6.93
CA ALA A 199 8.10 7.61 -6.75
C ALA A 199 8.88 6.74 -7.71
N VAL A 200 8.44 5.49 -7.90
CA VAL A 200 8.96 4.63 -8.96
C VAL A 200 7.79 4.03 -9.71
N ALA A 201 7.86 4.04 -11.04
CA ALA A 201 6.76 3.53 -11.85
C ALA A 201 7.25 3.19 -13.25
N SER A 202 6.59 2.21 -13.85
CA SER A 202 6.72 1.88 -15.25
C SER A 202 5.61 2.58 -16.03
N ARG A 203 5.95 3.12 -17.20
CA ARG A 203 4.99 3.92 -17.96
C ARG A 203 4.97 3.47 -19.42
N SER A 204 3.76 3.41 -19.98
CA SER A 204 3.56 2.86 -21.31
C SER A 204 4.06 3.81 -22.39
N LEU A 205 4.52 3.23 -23.49
CA LEU A 205 4.93 4.00 -24.66
C LEU A 205 3.99 3.77 -25.84
N GLU A 206 2.80 3.25 -25.58
CA GLU A 206 1.81 3.06 -26.63
C GLU A 206 1.15 4.39 -26.98
N LYS A 207 0.92 4.60 -28.28
CA LYS A 207 0.32 5.85 -28.72
C LYS A 207 -1.05 6.09 -28.07
N THR A 208 -1.82 5.02 -27.89
CA THR A 208 -3.15 5.13 -27.30
C THR A 208 -3.08 5.53 -25.83
N LYS A 209 -2.15 4.94 -25.07
CA LYS A 209 -2.06 5.15 -23.63
C LYS A 209 -0.72 5.77 -23.28
N MET A 210 -0.39 6.92 -23.87
CA MET A 210 0.96 7.45 -23.75
C MET A 210 1.20 7.96 -22.33
N PHE A 211 2.26 7.44 -21.70
CA PHE A 211 2.80 7.84 -20.40
C PHE A 211 1.93 7.43 -19.22
N GLN A 212 0.93 6.59 -19.44
CA GLN A 212 0.15 6.06 -18.32
C GLN A 212 0.88 4.89 -17.69
N ILE A 213 0.54 4.61 -16.43
CA ILE A 213 1.16 3.48 -15.75
C ILE A 213 0.91 2.21 -16.56
N ALA A 214 1.97 1.42 -16.75
CA ALA A 214 1.96 0.38 -17.79
C ALA A 214 0.89 -0.67 -17.51
N SER A 215 0.84 -1.17 -16.28
CA SER A 215 -0.12 -2.18 -15.87
C SER A 215 -0.62 -1.83 -14.48
N SER A 216 -1.93 -1.65 -14.33
CA SER A 216 -2.51 -1.24 -13.07
C SER A 216 -3.82 -2.00 -12.87
N ALA A 217 -4.06 -2.42 -11.63
CA ALA A 217 -5.28 -3.11 -11.27
C ALA A 217 -5.84 -2.44 -10.02
N VAL A 218 -6.65 -3.18 -9.27
CA VAL A 218 -7.36 -2.59 -8.15
C VAL A 218 -6.42 -2.39 -6.97
N THR A 219 -5.72 -3.44 -6.56
CA THR A 219 -4.84 -3.35 -5.39
C THR A 219 -3.36 -3.25 -5.74
N THR A 220 -2.98 -3.43 -7.00
CA THR A 220 -1.56 -3.53 -7.33
C THR A 220 -1.31 -2.97 -8.73
N GLY A 221 -0.03 -2.74 -9.02
CA GLY A 221 0.35 -2.20 -10.33
C GLY A 221 1.83 -1.95 -10.42
N THR A 222 2.24 -1.39 -11.56
CA THR A 222 3.64 -1.05 -11.83
C THR A 222 3.93 0.35 -11.29
N ARG A 223 4.05 0.44 -9.96
CA ARG A 223 4.02 1.73 -9.28
C ARG A 223 4.38 1.53 -7.82
N THR A 224 5.16 2.47 -7.28
CA THR A 224 5.40 2.51 -5.85
C THR A 224 5.29 3.97 -5.40
N PHE A 225 4.43 4.22 -4.43
CA PHE A 225 4.30 5.52 -3.79
C PHE A 225 4.96 5.50 -2.42
N ILE A 226 5.32 6.68 -1.93
CA ILE A 226 5.79 6.84 -0.56
C ILE A 226 4.63 7.32 0.29
N ASN A 227 4.44 6.69 1.46
CA ASN A 227 3.22 6.85 2.25
C ASN A 227 3.02 8.30 2.68
N SER A 228 1.77 8.61 3.05
CA SER A 228 1.41 9.98 3.44
C SER A 228 2.19 10.45 4.65
N TYR A 229 2.64 9.54 5.52
CA TYR A 229 3.32 10.00 6.72
C TYR A 229 4.80 10.28 6.49
N ALA A 230 5.43 9.59 5.52
CA ALA A 230 6.84 9.79 5.23
C ALA A 230 7.08 10.65 3.99
N ARG A 231 6.03 10.97 3.24
CA ARG A 231 6.19 11.57 1.91
C ARG A 231 6.86 12.93 1.98
N GLU A 232 6.49 13.77 2.95
CA GLU A 232 6.99 15.13 3.08
C GLU A 232 8.29 15.22 3.87
N THR A 233 8.73 14.15 4.51
CA THR A 233 9.96 14.15 5.29
C THR A 233 11.04 13.24 4.73
N TYR A 234 10.67 12.07 4.24
CA TYR A 234 11.62 11.07 3.73
C TYR A 234 11.69 11.22 2.22
N PHE A 235 12.70 11.93 1.75
CA PHE A 235 12.91 12.16 0.32
C PHE A 235 13.90 11.16 -0.24
N VAL A 236 13.76 10.88 -1.53
CA VAL A 236 14.59 9.90 -2.23
C VAL A 236 15.25 10.60 -3.41
N ASN A 237 16.57 10.55 -3.48
CA ASN A 237 17.31 11.16 -4.58
C ASN A 237 17.73 10.07 -5.57
N TYR A 238 17.22 10.15 -6.79
CA TYR A 238 17.49 9.16 -7.83
C TYR A 238 18.63 9.67 -8.71
N VAL A 239 19.74 8.92 -8.73
CA VAL A 239 20.99 9.35 -9.36
C VAL A 239 21.12 8.82 -10.77
N TYR A 240 20.90 7.52 -10.96
CA TYR A 240 21.22 6.83 -12.20
C TYR A 240 20.25 5.67 -12.37
N GLY A 241 19.93 5.37 -13.62
CA GLY A 241 19.06 4.25 -13.92
C GLY A 241 19.62 3.45 -15.07
N PHE A 242 19.37 2.13 -15.01
CA PHE A 242 19.91 1.26 -16.03
C PHE A 242 19.19 -0.08 -15.99
N SER A 243 19.22 -0.77 -17.13
CA SER A 243 18.62 -2.09 -17.30
C SER A 243 19.69 -3.13 -17.60
N SER A 244 19.60 -4.28 -16.93
CA SER A 244 20.62 -5.33 -17.06
C SER A 244 20.03 -6.68 -16.69
N GLU A 245 19.99 -7.59 -17.67
CA GLU A 245 19.63 -9.00 -17.48
C GLU A 245 18.23 -9.16 -16.87
N ARG A 246 17.25 -8.57 -17.56
CA ARG A 246 15.83 -8.70 -17.22
C ARG A 246 15.43 -7.97 -15.94
N PHE A 247 16.22 -7.01 -15.46
CA PHE A 247 15.86 -6.24 -14.27
C PHE A 247 16.09 -4.74 -14.50
N SER A 248 15.22 -3.90 -13.94
CA SER A 248 15.40 -2.46 -13.98
C SER A 248 15.93 -1.97 -12.64
N TYR A 249 16.90 -1.05 -12.69
CA TYR A 249 17.67 -0.63 -11.54
C TYR A 249 17.66 0.89 -11.36
N PHE A 250 17.74 1.31 -10.11
CA PHE A 250 17.87 2.73 -9.76
C PHE A 250 18.92 2.87 -8.67
N LEU A 251 19.83 3.81 -8.86
CA LEU A 251 20.87 4.10 -7.88
C LEU A 251 20.40 5.33 -7.11
N THR A 252 20.18 5.18 -5.80
CA THR A 252 19.54 6.22 -4.99
C THR A 252 20.35 6.54 -3.74
N THR A 253 20.24 7.79 -3.28
CA THR A 253 20.68 8.21 -1.96
C THR A 253 19.45 8.59 -1.13
N GLN A 254 19.41 8.15 0.12
CA GLN A 254 18.25 8.36 0.97
C GLN A 254 18.61 8.08 2.42
N LEU A 255 17.73 8.51 3.33
CA LEU A 255 17.92 8.25 4.76
C LEU A 255 17.81 6.76 5.06
N LYS A 256 18.70 6.28 5.95
CA LYS A 256 18.72 4.87 6.29
C LYS A 256 17.44 4.43 7.02
N HIS A 257 16.84 5.34 7.79
CA HIS A 257 15.69 5.03 8.62
C HIS A 257 14.57 6.04 8.38
N SER A 258 13.34 5.55 8.44
CA SER A 258 12.16 6.41 8.30
C SER A 258 11.73 7.00 9.64
N HIS A 259 11.68 6.19 10.70
CA HIS A 259 11.31 6.68 12.01
C HIS A 259 12.38 7.61 12.57
N HIS A 260 11.98 8.45 13.52
CA HIS A 260 12.90 9.38 14.17
C HIS A 260 13.60 8.77 15.39
N SER A 261 13.57 7.44 15.53
CA SER A 261 14.21 6.79 16.66
C SER A 261 15.74 6.83 16.57
N SER A 262 16.29 7.03 15.37
CA SER A 262 17.72 7.01 15.13
C SER A 262 18.20 8.33 14.53
N PRO A 263 19.46 8.70 14.76
CA PRO A 263 20.01 9.90 14.11
C PRO A 263 20.06 9.76 12.60
N LYS A 264 20.05 10.90 11.92
CA LYS A 264 19.97 10.93 10.46
C LYS A 264 21.28 10.44 9.85
N GLU A 265 21.23 9.30 9.17
CA GLU A 265 22.35 8.81 8.37
C GLU A 265 21.88 8.63 6.92
N TYR A 266 22.68 9.10 5.98
CA TYR A 266 22.38 8.97 4.55
C TYR A 266 23.13 7.79 3.96
N ILE A 267 22.43 6.97 3.20
CA ILE A 267 23.04 5.79 2.59
C ILE A 267 22.72 5.80 1.10
N THR A 268 23.46 4.99 0.38
CA THR A 268 23.20 4.76 -1.03
C THR A 268 22.46 3.44 -1.16
N LYS A 269 21.34 3.45 -1.88
CA LYS A 269 20.55 2.25 -2.04
C LYS A 269 20.47 1.89 -3.51
N LEU A 270 19.98 0.69 -3.78
CA LEU A 270 19.84 0.18 -5.14
C LEU A 270 18.44 -0.42 -5.27
N VAL A 271 17.60 0.22 -6.07
CA VAL A 271 16.20 -0.14 -6.24
C VAL A 271 16.06 -1.02 -7.48
N ARG A 272 15.38 -2.16 -7.34
CA ARG A 272 15.30 -3.16 -8.41
C ARG A 272 13.85 -3.58 -8.60
N ILE A 273 13.50 -3.94 -9.83
CA ILE A 273 12.19 -4.54 -10.13
C ILE A 273 12.34 -5.50 -11.31
N CYS A 274 11.73 -6.68 -11.20
CA CYS A 274 11.67 -7.60 -12.32
C CYS A 274 10.86 -6.97 -13.46
N GLN A 275 11.33 -7.14 -14.69
CA GLN A 275 10.66 -6.46 -15.81
C GLN A 275 9.43 -7.19 -16.30
N GLU A 276 9.34 -8.50 -16.05
CA GLU A 276 8.08 -9.21 -16.31
C GLU A 276 7.02 -8.85 -15.28
N ASP A 277 7.45 -8.43 -14.09
CA ASP A 277 6.55 -8.18 -12.98
C ASP A 277 5.66 -6.99 -13.30
N SER A 278 4.35 -7.25 -13.44
CA SER A 278 3.35 -6.21 -13.65
C SER A 278 2.61 -5.82 -12.38
N ASN A 279 3.16 -6.19 -11.22
CA ASN A 279 2.58 -5.84 -9.94
C ASN A 279 3.56 -5.16 -8.99
N TYR A 280 4.82 -5.06 -9.39
CA TYR A 280 5.90 -4.63 -8.50
C TYR A 280 5.97 -5.49 -7.25
N TYR A 281 5.62 -6.77 -7.38
CA TYR A 281 5.91 -7.71 -6.30
C TYR A 281 7.41 -7.83 -6.06
N SER A 282 8.21 -7.49 -7.05
CA SER A 282 9.66 -7.66 -7.00
C SER A 282 10.38 -6.38 -6.60
N TYR A 283 9.65 -5.32 -6.25
CA TYR A 283 10.29 -4.12 -5.76
C TYR A 283 11.12 -4.45 -4.54
N THR A 284 12.44 -4.32 -4.68
CA THR A 284 13.37 -4.64 -3.60
C THR A 284 14.50 -3.61 -3.60
N GLU A 285 15.09 -3.39 -2.42
CA GLU A 285 16.21 -2.47 -2.25
C GLU A 285 17.26 -3.11 -1.34
N ILE A 286 18.51 -2.92 -1.69
CA ILE A 286 19.63 -3.24 -0.80
C ILE A 286 20.50 -1.99 -0.73
N PRO A 287 21.18 -1.76 0.38
CA PRO A 287 22.08 -0.61 0.46
C PRO A 287 23.39 -0.91 -0.24
N VAL A 288 24.08 0.17 -0.65
CA VAL A 288 25.32 0.09 -1.39
C VAL A 288 26.41 0.82 -0.62
N GLU A 289 27.44 0.10 -0.24
CA GLU A 289 28.52 0.63 0.58
C GLU A 289 29.82 0.65 -0.23
N CYS A 290 30.49 1.79 -0.22
CA CYS A 290 31.82 1.93 -0.82
C CYS A 290 32.71 2.36 0.35
N ILE A 291 33.48 1.41 0.87
CA ILE A 291 34.16 1.54 2.15
C ILE A 291 35.66 1.59 1.92
N SER A 292 36.36 2.37 2.74
CA SER A 292 37.79 2.56 2.58
C SER A 292 38.51 2.36 3.90
N ASP A 293 39.76 1.97 3.79
CA ASP A 293 40.64 1.72 4.94
C ASP A 293 41.08 3.02 5.63
N ALA A 294 41.06 4.15 4.92
CA ALA A 294 41.78 5.34 5.36
C ALA A 294 41.08 6.02 6.54
N GLN A 295 41.89 6.56 7.45
CA GLN A 295 41.39 7.25 8.64
C GLN A 295 40.52 6.33 9.47
N GLY A 296 40.99 5.11 9.69
CA GLY A 296 40.17 4.08 10.32
C GLY A 296 39.04 3.66 9.40
N GLY A 297 37.81 4.02 9.73
CA GLY A 297 36.67 3.73 8.88
C GLY A 297 36.26 4.96 8.10
N THR A 298 36.28 4.83 6.77
CA THR A 298 35.78 5.86 5.87
C THR A 298 34.65 5.29 5.01
N LYS A 299 33.47 5.89 5.10
CA LYS A 299 32.32 5.51 4.27
C LYS A 299 32.01 6.62 3.28
N PHE A 300 32.10 6.30 1.98
CA PHE A 300 31.67 7.22 0.92
C PHE A 300 30.20 6.94 0.69
N ASN A 301 29.35 7.64 1.43
CA ASN A 301 27.95 7.26 1.48
C ASN A 301 27.12 7.83 0.34
N LEU A 302 27.51 8.97 -0.23
CA LEU A 302 26.70 9.65 -1.24
C LEU A 302 27.24 9.36 -2.63
N VAL A 303 26.47 8.64 -3.44
CA VAL A 303 26.84 8.40 -4.82
C VAL A 303 26.52 9.64 -5.64
N GLN A 304 27.36 9.94 -6.63
CA GLN A 304 27.17 11.14 -7.44
C GLN A 304 26.80 10.87 -8.89
N ALA A 305 27.24 9.74 -9.45
CA ALA A 305 27.01 9.42 -10.85
C ALA A 305 27.27 7.95 -11.09
N GLY A 306 26.60 7.40 -12.12
CA GLY A 306 26.72 6.00 -12.42
C GLY A 306 26.84 5.79 -13.92
N PHE A 307 27.43 4.64 -14.27
CA PHE A 307 27.65 4.26 -15.66
C PHE A 307 27.77 2.75 -15.72
N LEU A 308 27.04 2.14 -16.65
CA LEU A 308 27.01 0.69 -16.84
C LEU A 308 27.82 0.35 -18.08
N GLY A 309 28.76 -0.57 -17.95
CA GLY A 309 29.67 -0.84 -19.03
C GLY A 309 30.28 -2.21 -18.90
N LYS A 310 31.12 -2.56 -19.86
CA LYS A 310 31.68 -3.89 -19.91
C LYS A 310 33.15 -3.88 -19.46
N PRO A 311 33.64 -4.99 -18.90
CA PRO A 311 35.03 -5.04 -18.45
C PRO A 311 36.00 -5.44 -19.55
N SER A 312 37.28 -5.52 -19.20
CA SER A 312 38.34 -5.96 -20.08
C SER A 312 38.72 -7.38 -19.74
N SER A 313 39.60 -7.96 -20.56
CA SER A 313 40.05 -9.32 -20.31
C SER A 313 40.63 -9.45 -18.90
N ASP A 314 41.53 -8.54 -18.52
CA ASP A 314 42.16 -8.63 -17.20
C ASP A 314 41.15 -8.38 -16.09
N LEU A 315 40.30 -7.36 -16.24
CA LEU A 315 39.37 -7.00 -15.17
C LEU A 315 38.30 -8.07 -14.96
N ALA A 316 37.78 -8.64 -16.04
CA ALA A 316 36.80 -9.71 -15.92
C ALA A 316 37.33 -10.90 -15.13
N GLN A 317 38.64 -11.18 -15.24
CA GLN A 317 39.20 -12.30 -14.47
C GLN A 317 39.18 -12.00 -12.97
N SER A 318 39.46 -10.75 -12.59
CA SER A 318 39.51 -10.38 -11.18
C SER A 318 38.12 -10.49 -10.55
N LEU A 319 37.11 -9.96 -11.23
CA LEU A 319 35.73 -10.01 -10.73
C LEU A 319 35.12 -11.40 -10.80
N GLY A 320 35.74 -12.31 -11.54
CA GLY A 320 35.16 -13.62 -11.77
C GLY A 320 33.92 -13.60 -12.64
N ILE A 321 33.99 -12.90 -13.77
CA ILE A 321 32.87 -12.77 -14.69
C ILE A 321 33.38 -12.96 -16.11
N SER A 322 32.44 -13.15 -17.02
CA SER A 322 32.83 -13.19 -18.42
C SER A 322 32.94 -11.77 -18.95
N ILE A 323 33.65 -11.64 -20.06
CA ILE A 323 33.84 -10.32 -20.64
C ILE A 323 32.51 -9.75 -21.15
N GLN A 324 31.53 -10.59 -21.47
CA GLN A 324 30.26 -10.08 -21.94
C GLN A 324 29.36 -9.62 -20.82
N ASP A 325 29.76 -9.80 -19.56
CA ASP A 325 28.94 -9.42 -18.43
C ASP A 325 29.05 -7.92 -18.16
N ASP A 326 28.11 -7.41 -17.37
CA ASP A 326 28.03 -5.98 -17.08
C ASP A 326 28.73 -5.66 -15.76
N VAL A 327 29.28 -4.45 -15.70
CA VAL A 327 29.90 -3.90 -14.51
C VAL A 327 29.32 -2.51 -14.28
N LEU A 328 28.96 -2.21 -13.04
CA LEU A 328 28.49 -0.89 -12.64
C LEU A 328 29.66 -0.07 -12.14
N PHE A 329 29.89 1.07 -12.77
CA PHE A 329 30.89 2.04 -12.33
C PHE A 329 30.17 3.20 -11.68
N ALA A 330 30.61 3.59 -10.49
CA ALA A 330 29.96 4.69 -9.80
C ALA A 330 30.99 5.44 -8.97
N VAL A 331 30.77 6.74 -8.81
CA VAL A 331 31.64 7.61 -8.03
C VAL A 331 30.88 8.03 -6.78
N PHE A 332 31.45 7.76 -5.61
CA PHE A 332 30.87 8.09 -4.32
C PHE A 332 31.67 9.20 -3.65
N SER A 333 30.96 10.05 -2.91
CA SER A 333 31.56 11.16 -2.19
C SER A 333 31.11 11.10 -0.74
N LYS A 334 32.06 11.25 0.18
CA LYS A 334 31.73 11.37 1.59
C LYS A 334 31.01 12.69 1.85
N GLY A 335 29.88 12.61 2.53
CA GLY A 335 28.98 13.73 2.66
C GLY A 335 28.76 14.14 4.10
N GLU A 336 28.83 15.45 4.33
CA GLU A 336 28.39 16.07 5.57
C GLU A 336 26.87 16.22 5.50
N GLY A 337 26.14 15.34 6.18
CA GLY A 337 24.72 15.28 5.97
C GLY A 337 24.43 14.85 4.53
N ASN A 338 23.59 15.63 3.85
CA ASN A 338 23.21 15.35 2.47
C ASN A 338 24.08 16.09 1.45
N THR A 339 25.07 16.84 1.90
CA THR A 339 25.89 17.63 0.98
C THR A 339 27.19 16.89 0.71
N PRO A 340 27.51 16.59 -0.54
CA PRO A 340 28.76 15.90 -0.85
C PRO A 340 29.97 16.80 -0.59
N THR A 341 30.99 16.22 0.02
CA THR A 341 32.23 16.93 0.29
C THR A 341 33.25 16.65 -0.82
N ASN A 342 34.39 17.32 -0.76
CA ASN A 342 35.46 17.15 -1.73
C ASN A 342 36.36 15.97 -1.35
N ASN A 343 35.74 14.81 -1.20
CA ASN A 343 36.45 13.62 -0.72
C ASN A 343 35.77 12.40 -1.35
N SER A 344 36.05 12.19 -2.64
CA SER A 344 35.33 11.22 -3.43
C SER A 344 36.15 9.95 -3.64
N ALA A 345 35.49 8.91 -4.16
CA ALA A 345 36.12 7.64 -4.44
C ALA A 345 35.42 6.97 -5.61
N LEU A 346 36.16 6.15 -6.36
CA LEU A 346 35.64 5.41 -7.53
C LEU A 346 35.51 3.94 -7.17
N CYS A 347 34.31 3.41 -7.31
CA CYS A 347 33.99 2.07 -6.87
C CYS A 347 33.33 1.34 -8.03
N ILE A 348 33.67 0.06 -8.21
CA ILE A 348 33.10 -0.76 -9.26
C ILE A 348 32.34 -1.90 -8.60
N TYR A 349 31.24 -2.29 -9.24
CA TYR A 349 30.41 -3.40 -8.77
C TYR A 349 30.08 -4.29 -9.94
N SER A 350 30.33 -5.58 -9.83
CA SER A 350 29.88 -6.50 -10.86
C SER A 350 28.43 -6.87 -10.60
N LEU A 351 27.64 -6.99 -11.67
CA LEU A 351 26.24 -7.34 -11.48
C LEU A 351 26.02 -8.80 -11.11
N LYS A 352 27.04 -9.66 -11.22
CA LYS A 352 26.91 -10.99 -10.63
C LYS A 352 26.88 -10.91 -9.11
N SER A 353 27.66 -9.99 -8.54
CA SER A 353 27.65 -9.82 -7.09
C SER A 353 26.49 -8.94 -6.63
N ILE A 354 25.96 -8.10 -7.51
CA ILE A 354 24.75 -7.35 -7.20
C ILE A 354 23.55 -8.29 -7.18
N ARG A 355 23.47 -9.16 -8.19
CA ARG A 355 22.37 -10.12 -8.23
C ARG A 355 22.47 -11.13 -7.09
N ARG A 356 23.69 -11.52 -6.73
CA ARG A 356 23.88 -12.45 -5.64
C ARG A 356 23.67 -11.79 -4.28
N LYS A 357 23.75 -10.47 -4.20
CA LYS A 357 23.45 -9.79 -2.93
C LYS A 357 21.94 -9.59 -2.77
N PHE A 358 21.26 -9.21 -3.84
CA PHE A 358 19.80 -9.20 -3.82
C PHE A 358 19.26 -10.58 -3.43
N MET A 359 19.78 -11.63 -4.07
CA MET A 359 19.33 -12.97 -3.75
C MET A 359 19.62 -13.29 -2.30
N GLN A 360 20.73 -12.78 -1.76
CA GLN A 360 21.07 -13.07 -0.37
C GLN A 360 20.07 -12.44 0.59
N ASN A 361 19.62 -11.21 0.28
CA ASN A 361 18.64 -10.53 1.11
C ASN A 361 17.26 -11.15 0.96
N ILE A 362 16.92 -11.60 -0.25
CA ILE A 362 15.62 -12.20 -0.48
C ILE A 362 15.55 -13.57 0.19
N LYS A 363 16.55 -14.43 -0.05
CA LYS A 363 16.61 -15.74 0.59
C LYS A 363 16.42 -15.64 2.10
N SER A 364 17.00 -14.61 2.73
CA SER A 364 16.97 -14.49 4.18
C SER A 364 15.58 -14.13 4.69
N CYS A 365 14.90 -13.21 4.00
CA CYS A 365 13.53 -12.88 4.36
C CYS A 365 12.62 -14.10 4.23
N PHE A 366 12.66 -14.78 3.09
CA PHE A 366 11.80 -15.94 2.87
C PHE A 366 12.11 -17.09 3.80
N ASN A 367 13.21 -17.00 4.56
CA ASN A 367 13.50 -17.95 5.62
C ASN A 367 13.01 -17.47 6.97
N GLY A 368 12.27 -16.38 7.01
CA GLY A 368 11.64 -15.93 8.24
C GLY A 368 12.47 -14.99 9.09
N SER A 369 13.71 -14.72 8.72
CA SER A 369 14.58 -13.88 9.53
C SER A 369 14.32 -12.40 9.26
N GLY A 370 14.12 -11.65 10.34
CA GLY A 370 14.15 -10.20 10.27
C GLY A 370 12.83 -9.54 9.93
N MET A 371 12.94 -8.28 9.52
CA MET A 371 11.80 -7.44 9.15
C MET A 371 11.83 -7.12 7.67
N ARG A 372 10.63 -7.04 7.08
CA ARG A 372 10.51 -6.85 5.64
C ARG A 372 11.19 -5.58 5.17
N GLY A 373 11.14 -4.53 5.98
CA GLY A 373 11.76 -3.27 5.62
C GLY A 373 10.84 -2.37 4.83
N LEU A 374 11.42 -1.30 4.30
CA LEU A 374 10.69 -0.29 3.54
C LEU A 374 9.48 0.21 4.33
N ASP A 375 9.75 0.64 5.56
CA ASP A 375 8.72 1.20 6.42
C ASP A 375 8.15 2.51 5.88
N PHE A 376 8.78 3.13 4.89
CA PHE A 376 8.28 4.39 4.37
C PHE A 376 7.28 4.18 3.23
N ILE A 377 7.08 2.94 2.79
CA ILE A 377 5.97 2.59 1.90
C ILE A 377 4.72 2.23 2.69
N SER A 378 4.88 1.33 3.65
CA SER A 378 3.84 0.88 4.56
C SER A 378 4.50 0.33 5.80
N PRO A 379 3.78 0.25 6.93
CA PRO A 379 4.46 -0.14 8.18
C PRO A 379 5.12 -1.51 8.05
N SER A 380 6.34 -1.59 8.56
CA SER A 380 7.21 -2.75 8.29
C SER A 380 6.78 -3.94 9.15
N MET A 381 6.36 -5.00 8.49
CA MET A 381 5.92 -6.23 9.13
C MET A 381 7.02 -7.29 9.07
N PRO A 382 7.01 -8.25 9.99
CA PRO A 382 8.10 -9.24 10.01
C PRO A 382 8.13 -10.10 8.75
N CYS A 383 9.33 -10.53 8.38
CA CYS A 383 9.45 -11.47 7.28
C CYS A 383 8.81 -12.81 7.65
N VAL A 384 8.13 -13.41 6.69
CA VAL A 384 7.39 -14.66 6.87
C VAL A 384 8.28 -15.84 6.49
N LEU A 385 8.22 -16.90 7.30
CA LEU A 385 8.88 -18.15 6.92
C LEU A 385 8.11 -18.83 5.80
N THR A 386 8.83 -19.28 4.79
CA THR A 386 8.28 -19.76 3.53
C THR A 386 8.95 -21.08 3.18
N LYS A 387 8.20 -21.93 2.48
CA LYS A 387 8.73 -23.20 1.99
C LYS A 387 9.47 -23.08 0.67
N LEU A 388 9.77 -21.85 0.23
CA LEU A 388 10.40 -21.66 -1.08
C LEU A 388 11.75 -22.34 -1.12
N GLN A 389 11.97 -23.11 -2.19
CA GLN A 389 13.14 -23.97 -2.30
C GLN A 389 14.08 -23.56 -3.42
N THR A 390 13.65 -22.71 -4.35
CA THR A 390 14.45 -22.39 -5.52
C THR A 390 14.41 -20.89 -5.82
N ILE A 391 14.75 -20.08 -4.81
CA ILE A 391 15.00 -18.67 -5.04
C ILE A 391 16.38 -18.53 -5.65
N GLY A 392 16.44 -18.00 -6.87
CA GLY A 392 17.72 -17.80 -7.52
C GLY A 392 17.96 -16.34 -7.84
N GLU A 393 18.92 -16.08 -8.74
CA GLU A 393 19.23 -14.71 -9.12
C GLU A 393 18.11 -14.06 -9.93
N ASP A 394 17.26 -14.86 -10.60
CA ASP A 394 16.19 -14.33 -11.44
C ASP A 394 14.87 -14.16 -10.69
N PHE A 395 14.86 -14.27 -9.37
CA PHE A 395 13.62 -14.28 -8.61
C PHE A 395 12.78 -13.05 -8.91
N CYS A 396 11.52 -13.27 -9.27
CA CYS A 396 10.66 -12.24 -9.85
C CYS A 396 9.50 -11.81 -8.94
N GLY A 397 9.46 -12.26 -7.69
CA GLY A 397 8.53 -11.74 -6.71
C GLY A 397 7.24 -12.55 -6.59
N LEU A 398 6.64 -12.49 -5.40
CA LEU A 398 5.35 -13.13 -5.10
C LEU A 398 4.52 -12.22 -4.20
N ASP A 399 3.32 -12.67 -3.85
CA ASP A 399 2.45 -11.94 -2.94
C ASP A 399 3.09 -11.74 -1.57
N VAL A 400 3.94 -12.68 -1.14
CA VAL A 400 4.42 -12.71 0.24
C VAL A 400 5.78 -12.08 0.32
N ASN A 401 5.99 -11.29 1.38
CA ASN A 401 7.23 -10.53 1.60
C ASN A 401 7.53 -9.64 0.42
N SER A 402 6.47 -8.97 -0.12
CA SER A 402 6.56 -8.42 -1.47
C SER A 402 7.45 -7.19 -1.52
N PRO A 403 7.14 -6.10 -0.85
CA PRO A 403 8.05 -4.95 -0.90
C PRO A 403 9.15 -5.14 0.12
N LEU A 404 10.28 -5.68 -0.30
CA LEU A 404 11.34 -6.11 0.60
C LEU A 404 12.48 -5.09 0.64
N GLY A 405 12.88 -4.71 1.85
CA GLY A 405 14.04 -3.84 2.04
C GLY A 405 15.22 -4.59 2.65
N GLY A 406 16.23 -4.88 1.84
CA GLY A 406 17.37 -5.63 2.34
C GLY A 406 18.23 -4.77 3.24
N GLU A 407 18.80 -5.39 4.27
CA GLU A 407 19.72 -4.71 5.17
C GLU A 407 21.17 -5.11 4.96
N THR A 408 21.42 -6.25 4.33
CA THR A 408 22.76 -6.69 4.01
C THR A 408 23.24 -5.98 2.75
N PRO A 409 24.22 -5.11 2.85
CA PRO A 409 24.64 -4.32 1.71
C PRO A 409 25.64 -5.05 0.84
N ILE A 410 25.68 -4.64 -0.42
CA ILE A 410 26.79 -4.99 -1.29
C ILE A 410 27.93 -4.01 -1.04
N THR A 411 29.12 -4.55 -0.78
CA THR A 411 30.25 -3.76 -0.30
C THR A 411 31.39 -3.83 -1.32
N SER A 412 32.07 -2.70 -1.50
CA SER A 412 33.24 -2.66 -2.35
C SER A 412 34.25 -1.68 -1.78
N VAL A 413 35.53 -1.98 -2.00
CA VAL A 413 36.62 -1.09 -1.65
C VAL A 413 37.00 -0.30 -2.91
N PRO A 414 37.07 1.04 -2.86
CA PRO A 414 37.35 1.81 -4.07
C PRO A 414 38.75 1.54 -4.60
N VAL A 415 38.86 1.52 -5.94
CA VAL A 415 40.15 1.36 -6.60
C VAL A 415 40.92 2.67 -6.70
N ALA A 416 40.28 3.80 -6.40
CA ALA A 416 40.93 5.10 -6.46
C ALA A 416 40.16 6.07 -5.57
N MET A 417 40.88 7.03 -4.99
CA MET A 417 40.26 8.09 -4.21
C MET A 417 40.80 9.45 -4.70
N PHE A 418 40.03 10.50 -4.41
CA PHE A 418 40.25 11.80 -5.03
C PHE A 418 39.99 12.92 -4.05
N ASN A 419 40.71 14.03 -4.23
CA ASN A 419 40.59 15.22 -3.39
C ASN A 419 39.56 16.20 -3.89
N THR A 420 38.77 15.84 -4.91
CA THR A 420 37.74 16.72 -5.43
C THR A 420 36.44 15.94 -5.52
N LYS A 421 35.33 16.68 -5.64
CA LYS A 421 34.03 16.05 -5.80
C LYS A 421 33.88 15.57 -7.23
N LEU A 422 33.68 14.27 -7.41
CA LEU A 422 33.49 13.67 -8.72
C LEU A 422 32.01 13.69 -9.09
N THR A 423 31.72 14.11 -10.32
CA THR A 423 30.34 14.33 -10.74
C THR A 423 29.91 13.54 -11.97
N SER A 424 30.82 12.80 -12.62
CA SER A 424 30.43 11.95 -13.74
C SER A 424 31.38 10.77 -13.84
N VAL A 425 30.97 9.76 -14.62
CA VAL A 425 31.79 8.57 -14.79
C VAL A 425 31.42 7.92 -16.12
N ALA A 426 32.43 7.42 -16.82
CA ALA A 426 32.23 6.68 -18.07
C ALA A 426 33.40 5.73 -18.26
N ALA A 427 33.11 4.58 -18.88
CA ALA A 427 34.09 3.50 -18.98
C ALA A 427 34.10 2.91 -20.38
N THR A 428 35.30 2.71 -20.92
CA THR A 428 35.49 2.16 -22.25
C THR A 428 36.62 1.14 -22.19
N SER A 429 36.50 0.09 -22.98
CA SER A 429 37.54 -0.94 -23.10
C SER A 429 37.91 -1.17 -24.55
N THR A 430 38.02 -0.09 -25.33
CA THR A 430 38.49 -0.20 -26.71
C THR A 430 39.90 -0.77 -26.74
N SER A 431 40.77 -0.23 -25.90
CA SER A 431 42.05 -0.88 -25.67
C SER A 431 41.84 -2.17 -24.91
N GLY A 432 42.94 -2.90 -24.69
CA GLY A 432 42.83 -4.13 -23.94
C GLY A 432 42.48 -3.93 -22.48
N TYR A 433 42.64 -2.71 -21.98
CA TYR A 433 42.38 -2.40 -20.59
C TYR A 433 41.14 -1.52 -20.47
N THR A 434 40.46 -1.59 -19.32
CA THR A 434 39.36 -0.66 -19.05
C THR A 434 39.92 0.68 -18.58
N VAL A 435 39.46 1.75 -19.20
CA VAL A 435 39.79 3.11 -18.80
C VAL A 435 38.51 3.78 -18.35
N VAL A 436 38.53 4.37 -17.17
CA VAL A 436 37.37 5.04 -16.61
C VAL A 436 37.57 6.54 -16.72
N PHE A 437 36.60 7.22 -17.32
CA PHE A 437 36.62 8.67 -17.45
C PHE A 437 35.79 9.29 -16.34
N VAL A 438 36.39 10.24 -15.62
CA VAL A 438 35.81 10.81 -14.41
C VAL A 438 35.77 12.33 -14.54
N GLY A 439 34.61 12.93 -14.29
CA GLY A 439 34.45 14.39 -14.37
C GLY A 439 34.46 15.05 -13.00
N THR A 440 35.04 16.25 -12.93
CA THR A 440 35.23 16.97 -11.69
C THR A 440 34.19 18.09 -11.55
N SER A 441 33.85 18.42 -10.29
CA SER A 441 33.02 19.59 -10.04
C SER A 441 33.75 20.89 -10.33
N ASP A 442 35.06 20.84 -10.49
CA ASP A 442 35.85 22.01 -10.84
C ASP A 442 36.11 22.09 -12.35
N GLY A 443 35.70 21.06 -13.11
CA GLY A 443 35.81 21.10 -14.54
C GLY A 443 36.91 20.24 -15.13
N PHE A 444 37.52 19.38 -14.35
CA PHE A 444 38.62 18.56 -14.80
C PHE A 444 38.13 17.20 -15.26
N LEU A 445 38.81 16.65 -16.26
CA LEU A 445 38.62 15.29 -16.70
C LEU A 445 39.83 14.46 -16.29
N LYS A 446 39.59 13.34 -15.63
CA LYS A 446 40.64 12.43 -15.22
C LYS A 446 40.38 11.06 -15.86
N LYS A 447 41.45 10.36 -16.21
CA LYS A 447 41.38 9.01 -16.74
C LYS A 447 42.06 8.05 -15.77
N VAL A 448 41.35 6.99 -15.43
CA VAL A 448 41.87 5.94 -14.56
C VAL A 448 41.84 4.63 -15.33
N VAL A 449 42.94 3.87 -15.25
CA VAL A 449 43.02 2.55 -15.86
C VAL A 449 42.90 1.50 -14.77
N ILE A 450 41.95 0.58 -14.95
CA ILE A 450 41.62 -0.41 -13.91
C ILE A 450 42.14 -1.76 -14.37
N GLU A 451 43.19 -2.24 -13.70
CA GLU A 451 43.81 -3.52 -14.03
C GLU A 451 43.27 -4.68 -13.21
N SER A 452 42.70 -4.40 -12.05
CA SER A 452 42.14 -5.43 -11.17
C SER A 452 41.10 -4.78 -10.28
N SER A 453 40.42 -5.62 -9.51
CA SER A 453 39.57 -5.08 -8.46
C SER A 453 40.37 -4.41 -7.34
N SER A 454 41.69 -4.51 -7.38
CA SER A 454 42.56 -3.97 -6.35
C SER A 454 43.49 -2.88 -6.84
N ILE A 455 43.89 -2.92 -8.11
CA ILE A 455 44.93 -2.04 -8.62
C ILE A 455 44.34 -1.14 -9.70
N ALA A 456 44.51 0.17 -9.55
CA ALA A 456 44.08 1.17 -10.51
C ALA A 456 44.72 2.49 -10.14
N ASN A 457 44.96 3.32 -11.15
CA ASN A 457 45.67 4.58 -10.92
C ASN A 457 45.46 5.51 -12.10
N GLU A 458 45.53 6.81 -11.81
CA GLU A 458 45.38 7.82 -12.85
C GLU A 458 46.60 7.84 -13.76
N TYR A 459 46.35 8.01 -15.06
CA TYR A 459 47.41 8.23 -16.02
C TYR A 459 47.23 9.53 -16.80
N ALA A 460 46.12 10.23 -16.61
CA ALA A 460 45.88 11.49 -17.29
C ALA A 460 44.96 12.33 -16.42
N SER A 461 45.07 13.65 -16.58
CA SER A 461 44.23 14.60 -15.85
C SER A 461 44.40 16.00 -16.43
N PHE A 462 43.31 16.61 -16.88
CA PHE A 462 43.39 17.94 -17.48
C PHE A 462 42.02 18.60 -17.40
N ALA A 463 42.01 19.93 -17.49
CA ALA A 463 40.78 20.69 -17.35
C ALA A 463 40.07 20.81 -18.70
N VAL A 464 38.76 20.56 -18.69
CA VAL A 464 37.93 20.71 -19.88
C VAL A 464 37.22 22.06 -19.91
N ASP A 465 36.59 22.43 -18.79
CA ASP A 465 36.04 23.78 -18.63
C ASP A 465 36.32 24.21 -17.19
N LEU A 466 37.38 25.00 -17.01
CA LEU A 466 37.80 25.32 -15.66
C LEU A 466 36.78 26.22 -14.99
N GLY A 467 36.44 25.90 -13.74
CA GLY A 467 35.45 26.66 -12.99
C GLY A 467 34.01 26.27 -13.25
N SER A 468 33.77 25.11 -13.85
CA SER A 468 32.45 24.74 -14.32
C SER A 468 32.24 23.25 -14.08
N GLU A 469 31.26 22.90 -13.25
CA GLU A 469 31.02 21.52 -12.87
C GLU A 469 30.61 20.68 -14.07
N ILE A 470 31.21 19.50 -14.21
CA ILE A 470 30.93 18.62 -15.32
C ILE A 470 29.65 17.83 -15.03
N ASN A 471 28.73 17.86 -15.99
CA ASN A 471 27.43 17.22 -15.83
C ASN A 471 27.57 15.71 -15.69
N ARG A 472 26.52 15.11 -15.14
CA ARG A 472 26.53 13.66 -14.91
C ARG A 472 26.38 12.90 -16.22
N ASP A 473 25.61 13.43 -17.16
CA ASP A 473 25.40 12.78 -18.46
C ASP A 473 26.64 12.98 -19.31
N MET A 474 27.48 11.94 -19.40
CA MET A 474 28.74 11.99 -20.13
C MET A 474 28.83 10.72 -20.97
N GLN A 475 28.71 10.85 -22.29
CA GLN A 475 28.59 9.71 -23.18
C GLN A 475 29.67 9.71 -24.26
N PHE A 476 30.00 8.50 -24.74
CA PHE A 476 31.05 8.31 -25.72
C PHE A 476 30.50 8.41 -27.14
N ASP A 477 31.42 8.47 -28.10
CA ASP A 477 31.10 8.28 -29.50
C ASP A 477 30.74 6.82 -29.76
N ASN A 478 30.18 6.54 -30.95
CA ASN A 478 29.78 5.17 -31.29
C ASN A 478 30.97 4.22 -31.35
N GLN A 479 32.14 4.70 -31.73
CA GLN A 479 33.37 3.91 -31.72
C GLN A 479 34.14 4.05 -30.41
N ASN A 480 33.65 4.83 -29.46
CA ASN A 480 34.37 5.12 -28.21
C ASN A 480 35.73 5.75 -28.51
N LEU A 481 35.75 6.68 -29.47
CA LEU A 481 36.95 7.42 -29.81
C LEU A 481 36.93 8.86 -29.33
N TYR A 482 35.74 9.44 -29.20
CA TYR A 482 35.57 10.74 -28.58
C TYR A 482 34.56 10.61 -27.46
N ILE A 483 34.67 11.49 -26.47
CA ILE A 483 33.76 11.49 -25.34
C ILE A 483 33.19 12.89 -25.20
N TYR A 484 31.87 13.00 -24.98
CA TYR A 484 31.19 14.29 -24.88
C TYR A 484 31.12 14.71 -23.42
N VAL A 485 31.79 15.82 -23.09
CA VAL A 485 31.88 16.35 -21.73
C VAL A 485 31.09 17.63 -21.66
N MET A 486 30.05 17.63 -20.84
CA MET A 486 29.15 18.77 -20.73
C MET A 486 29.37 19.45 -19.39
N SER A 487 29.65 20.75 -19.42
CA SER A 487 29.81 21.55 -18.21
C SER A 487 28.52 22.33 -17.96
N LYS A 488 28.61 23.49 -17.30
CA LYS A 488 27.40 24.27 -17.04
C LYS A 488 26.77 24.76 -18.33
N THR A 489 27.57 25.37 -19.22
CA THR A 489 27.04 26.02 -20.41
C THR A 489 27.66 25.56 -21.71
N LYS A 490 28.56 24.59 -21.70
CA LYS A 490 29.28 24.16 -22.88
C LYS A 490 29.23 22.64 -22.99
N VAL A 491 29.53 22.16 -24.19
CA VAL A 491 29.79 20.75 -24.45
C VAL A 491 31.11 20.65 -25.20
N SER A 492 31.97 19.73 -24.77
CA SER A 492 33.28 19.57 -25.36
C SER A 492 33.42 18.15 -25.89
N LYS A 493 33.80 18.02 -27.16
CA LYS A 493 34.11 16.73 -27.75
C LYS A 493 35.59 16.46 -27.52
N VAL A 494 35.90 15.53 -26.61
CA VAL A 494 37.26 15.24 -26.21
C VAL A 494 37.71 13.93 -26.83
N LYS A 495 38.91 13.93 -27.41
CA LYS A 495 39.46 12.70 -27.98
C LYS A 495 39.89 11.76 -26.85
N VAL A 496 39.58 10.48 -27.00
CA VAL A 496 39.84 9.53 -25.92
C VAL A 496 41.33 9.27 -25.78
N PHE A 497 42.05 9.17 -26.90
CA PHE A 497 43.49 9.01 -26.88
C PHE A 497 44.09 9.72 -28.07
N ASP A 498 45.33 10.20 -27.89
CA ASP A 498 46.11 10.81 -28.98
C ASP A 498 47.56 10.38 -28.78
N CYS A 499 48.00 9.38 -29.54
CA CYS A 499 49.35 8.86 -29.40
C CYS A 499 50.34 9.52 -30.34
N SER A 500 49.86 10.31 -31.29
CA SER A 500 50.75 10.90 -32.29
C SER A 500 51.55 12.07 -31.73
N ASP A 501 51.07 12.73 -30.69
CA ASP A 501 51.76 13.89 -30.16
C ASP A 501 52.97 13.53 -29.30
N TYR A 502 53.26 12.23 -29.12
CA TYR A 502 54.46 11.77 -28.40
C TYR A 502 55.54 11.50 -29.42
N LYS A 503 56.48 12.46 -29.54
CA LYS A 503 57.54 12.45 -30.53
C LYS A 503 58.56 11.36 -30.24
N THR A 504 59.38 11.58 -29.22
CA THR A 504 60.34 10.57 -28.80
C THR A 504 59.59 9.39 -28.21
N CYS A 505 60.34 8.35 -27.84
CA CYS A 505 59.75 7.12 -27.32
C CYS A 505 59.64 7.08 -25.80
N GLY A 506 60.61 7.64 -25.08
CA GLY A 506 60.48 7.73 -23.64
C GLY A 506 59.25 8.50 -23.23
N ASP A 507 58.77 9.39 -24.09
CA ASP A 507 57.51 10.09 -23.84
C ASP A 507 56.31 9.21 -24.14
N CYS A 508 56.43 8.33 -25.13
CA CYS A 508 55.32 7.44 -25.47
C CYS A 508 55.05 6.43 -24.36
N LEU A 509 56.09 5.69 -23.94
CA LEU A 509 55.94 4.78 -22.82
C LEU A 509 55.89 5.50 -21.47
N GLY A 510 56.39 6.72 -21.40
CA GLY A 510 56.36 7.44 -20.14
C GLY A 510 54.98 7.96 -19.78
N ALA A 511 54.14 8.21 -20.80
CA ALA A 511 52.79 8.69 -20.55
C ALA A 511 51.94 7.64 -19.86
N ARG A 512 52.37 6.38 -19.89
CA ARG A 512 51.67 5.28 -19.22
C ARG A 512 50.22 5.20 -19.70
N ASP A 513 50.01 5.55 -20.96
CA ASP A 513 48.70 5.47 -21.59
C ASP A 513 48.46 4.04 -22.07
N PRO A 514 47.39 3.36 -21.63
CA PRO A 514 47.12 2.01 -22.13
C PRO A 514 46.77 1.98 -23.61
N TYR A 515 46.40 3.12 -24.20
CA TYR A 515 46.09 3.16 -25.62
C TYR A 515 47.34 3.26 -26.48
N CYS A 516 48.47 3.64 -25.89
CA CYS A 516 49.66 4.01 -26.65
C CYS A 516 50.79 3.00 -26.45
N GLY A 517 51.27 2.46 -27.57
CA GLY A 517 52.53 1.74 -27.60
C GLY A 517 53.43 2.37 -28.65
N TRP A 518 54.57 1.71 -28.86
CA TRP A 518 55.64 2.23 -29.70
C TRP A 518 56.12 1.15 -30.65
N CYS A 519 55.91 1.35 -31.95
CA CYS A 519 56.46 0.43 -32.94
C CYS A 519 57.97 0.56 -32.96
N SER A 520 58.64 -0.60 -33.05
CA SER A 520 60.10 -0.58 -33.07
C SER A 520 60.62 0.05 -34.36
N LEU A 521 60.11 -0.41 -35.51
CA LEU A 521 60.59 0.05 -36.80
C LEU A 521 60.29 1.52 -37.03
N GLU A 522 59.03 1.84 -37.32
CA GLU A 522 58.63 3.24 -37.50
C GLU A 522 58.75 4.00 -36.19
N ASN A 523 58.99 5.31 -36.29
CA ASN A 523 59.20 6.13 -35.10
C ASN A 523 57.88 6.65 -34.56
N LYS A 524 56.82 5.88 -34.71
CA LYS A 524 55.49 6.35 -34.34
C LYS A 524 55.03 5.68 -33.05
N CYS A 525 54.47 6.49 -32.15
CA CYS A 525 53.69 6.00 -31.04
C CYS A 525 52.26 5.79 -31.53
N SER A 526 51.72 4.59 -31.32
CA SER A 526 50.41 4.22 -31.83
C SER A 526 50.01 2.87 -31.22
N PRO A 527 48.72 2.53 -31.24
CA PRO A 527 48.27 1.24 -30.71
C PRO A 527 48.78 0.07 -31.55
N ARG A 528 48.54 -1.14 -31.03
CA ARG A 528 49.06 -2.35 -31.66
C ARG A 528 48.58 -2.49 -33.10
N SER A 529 47.30 -2.19 -33.33
CA SER A 529 46.73 -2.40 -34.66
C SER A 529 47.41 -1.53 -35.71
N ASN A 530 47.99 -0.41 -35.29
CA ASN A 530 48.60 0.51 -36.24
C ASN A 530 49.98 0.04 -36.69
N CYS A 531 50.71 -0.73 -35.87
CA CYS A 531 51.98 -1.25 -36.30
C CYS A 531 51.78 -2.41 -37.26
N GLN A 532 52.84 -2.72 -38.00
CA GLN A 532 52.87 -3.86 -38.90
C GLN A 532 53.78 -4.94 -38.32
N ASP A 533 53.21 -6.13 -38.07
CA ASP A 533 53.95 -7.26 -37.55
C ASP A 533 54.90 -7.89 -38.58
N ASP A 534 55.30 -7.15 -39.63
CA ASP A 534 56.25 -7.68 -40.62
C ASP A 534 57.66 -7.86 -40.04
N ALA A 535 57.99 -7.14 -38.98
CA ALA A 535 59.29 -7.28 -38.34
C ALA A 535 59.42 -8.65 -37.69
N ASN A 536 60.64 -9.19 -37.75
CA ASN A 536 60.87 -10.55 -37.23
C ASN A 536 60.77 -10.59 -35.71
N ASP A 537 61.17 -9.52 -35.02
CA ASP A 537 61.16 -9.53 -33.57
C ASP A 537 59.74 -9.29 -33.04
N PRO A 538 59.34 -10.03 -31.99
CA PRO A 538 58.05 -9.75 -31.35
C PRO A 538 58.04 -8.47 -30.53
N LEU A 539 59.21 -7.85 -30.31
CA LEU A 539 59.31 -6.58 -29.59
C LEU A 539 59.08 -5.41 -30.54
N TYR A 540 58.30 -5.63 -31.61
CA TYR A 540 57.97 -4.53 -32.51
C TYR A 540 57.12 -3.48 -31.81
N TRP A 541 56.11 -3.91 -31.06
CA TRP A 541 55.23 -3.03 -30.31
C TRP A 541 55.34 -3.38 -28.83
N VAL A 542 55.70 -2.40 -28.01
CA VAL A 542 55.95 -2.62 -26.59
C VAL A 542 55.07 -1.68 -25.77
N SER A 543 54.53 -2.19 -24.66
CA SER A 543 53.65 -1.41 -23.80
C SER A 543 54.47 -0.59 -22.81
N TYR A 544 53.77 0.16 -21.96
CA TYR A 544 54.44 1.07 -21.05
C TYR A 544 54.96 0.38 -19.80
N LYS A 545 54.50 -0.84 -19.51
CA LYS A 545 54.94 -1.57 -18.34
C LYS A 545 55.58 -2.90 -18.66
N THR A 546 55.45 -3.40 -19.89
CA THR A 546 56.00 -4.69 -20.25
C THR A 546 57.44 -4.60 -20.74
N GLY A 547 57.92 -3.42 -21.09
CA GLY A 547 59.27 -3.30 -21.60
C GLY A 547 59.80 -1.89 -21.42
N LYS A 548 61.07 -1.72 -21.82
CA LYS A 548 61.77 -0.44 -21.75
C LYS A 548 62.17 -0.01 -23.16
N CYS A 549 62.00 1.27 -23.45
CA CYS A 549 62.34 1.76 -24.77
C CYS A 549 63.83 2.04 -24.87
N GLN B 10 -22.93 -25.14 38.12
CA GLN B 10 -22.65 -23.72 37.94
C GLN B 10 -23.73 -23.03 37.12
N THR B 11 -24.12 -23.62 35.98
CA THR B 11 -25.07 -23.04 35.06
C THR B 11 -25.99 -24.12 34.51
N LYS B 12 -27.30 -23.83 34.47
CA LYS B 12 -28.26 -24.77 33.93
C LYS B 12 -28.12 -24.87 32.41
N GLN B 13 -28.22 -26.09 31.89
CA GLN B 13 -28.16 -26.28 30.44
C GLN B 13 -29.54 -26.03 29.83
N ASP B 14 -29.53 -25.55 28.59
CA ASP B 14 -30.75 -25.18 27.90
C ASP B 14 -31.31 -26.39 27.12
N LYS B 15 -32.61 -26.34 26.86
CA LYS B 15 -33.33 -27.41 26.16
C LYS B 15 -33.08 -27.29 24.67
N VAL B 16 -32.13 -28.08 24.16
CA VAL B 16 -31.76 -28.00 22.75
C VAL B 16 -32.84 -28.64 21.89
N LEU B 17 -33.33 -27.89 20.90
CA LEU B 17 -34.37 -28.38 20.01
C LEU B 17 -33.77 -29.17 18.85
N ALA B 18 -32.93 -28.51 18.05
CA ALA B 18 -32.25 -29.13 16.92
C ALA B 18 -30.76 -28.84 17.01
N HIS B 19 -29.99 -29.50 16.14
CA HIS B 19 -28.58 -29.19 15.96
C HIS B 19 -28.14 -29.60 14.56
N PHE B 20 -27.08 -28.96 14.08
CA PHE B 20 -26.51 -29.19 12.76
C PHE B 20 -25.00 -29.14 12.96
N ILE B 21 -24.36 -30.31 12.95
CA ILE B 21 -22.97 -30.42 13.39
C ILE B 21 -22.09 -30.70 12.18
N GLY B 22 -20.91 -30.07 12.17
CA GLY B 22 -19.84 -30.37 11.23
C GLY B 22 -18.55 -30.51 12.03
N ASN B 23 -17.41 -30.55 11.36
CA ASN B 23 -16.15 -30.68 12.09
C ASN B 23 -15.86 -29.38 12.84
N SER B 24 -14.84 -29.41 13.70
CA SER B 24 -14.35 -28.16 14.27
C SER B 24 -13.40 -27.44 13.32
N THR B 25 -12.92 -28.14 12.29
CA THR B 25 -11.92 -27.58 11.39
C THR B 25 -12.52 -26.52 10.46
N ASP B 26 -13.73 -26.74 9.96
CA ASP B 26 -14.39 -25.72 9.16
C ASP B 26 -14.84 -24.56 10.04
N TYR B 27 -15.25 -23.46 9.40
CA TYR B 27 -15.54 -22.21 10.11
C TYR B 27 -16.81 -21.59 9.53
N PHE B 28 -17.92 -21.79 10.22
CA PHE B 28 -19.23 -21.36 9.74
C PHE B 28 -19.38 -19.85 9.78
N LYS B 29 -20.04 -19.31 8.76
CA LYS B 29 -20.35 -17.88 8.68
C LYS B 29 -21.73 -17.75 8.06
N ILE B 30 -22.69 -17.24 8.84
CA ILE B 30 -24.01 -16.98 8.29
C ILE B 30 -23.89 -15.98 7.15
N LEU B 31 -24.23 -16.42 5.95
CA LEU B 31 -24.17 -15.56 4.77
C LEU B 31 -25.52 -15.04 4.31
N ASP B 32 -26.62 -15.59 4.81
CA ASP B 32 -27.97 -15.10 4.56
C ASP B 32 -28.92 -15.82 5.51
N HIS B 33 -29.94 -15.11 5.99
CA HIS B 33 -30.87 -15.72 6.94
C HIS B 33 -32.28 -15.21 6.71
N ASN B 34 -33.22 -16.14 6.54
CA ASN B 34 -34.65 -15.89 6.57
C ASN B 34 -35.25 -16.61 7.75
N ASP B 35 -36.55 -16.42 7.95
CA ASP B 35 -37.21 -17.16 9.00
C ASP B 35 -37.43 -18.61 8.61
N GLU B 36 -37.31 -18.94 7.33
CA GLU B 36 -37.45 -20.31 6.88
C GLU B 36 -36.12 -21.00 6.61
N PHE B 37 -35.14 -20.30 6.04
CA PHE B 37 -33.88 -20.92 5.64
C PHE B 37 -32.69 -20.03 6.01
N VAL B 38 -31.54 -20.69 6.17
CA VAL B 38 -30.28 -20.03 6.48
C VAL B 38 -29.18 -20.65 5.60
N LEU B 39 -28.24 -19.84 5.15
CA LEU B 39 -27.13 -20.27 4.33
C LEU B 39 -25.84 -20.16 5.14
N VAL B 40 -25.04 -21.22 5.10
CA VAL B 40 -23.86 -21.36 5.95
C VAL B 40 -22.66 -21.61 5.04
N GLY B 41 -21.72 -20.67 5.00
CA GLY B 41 -20.47 -20.87 4.28
C GLY B 41 -19.45 -21.55 5.17
N ALA B 42 -18.87 -22.64 4.67
CA ALA B 42 -17.95 -23.45 5.46
C ALA B 42 -16.68 -23.74 4.65
N LYS B 43 -15.98 -24.81 5.03
CA LYS B 43 -14.61 -25.03 4.57
C LYS B 43 -14.53 -25.20 3.06
N ASP B 44 -15.36 -26.06 2.49
CA ASP B 44 -15.31 -26.24 1.04
C ASP B 44 -16.71 -26.31 0.45
N VAL B 45 -17.74 -25.99 1.22
CA VAL B 45 -19.13 -26.09 0.78
C VAL B 45 -19.89 -24.91 1.33
N ILE B 46 -21.14 -24.79 0.87
CA ILE B 46 -22.09 -23.85 1.43
C ILE B 46 -23.42 -24.60 1.55
N TYR B 47 -24.04 -24.50 2.72
CA TYR B 47 -25.23 -25.27 3.05
C TYR B 47 -26.44 -24.37 3.00
N ASN B 48 -27.54 -24.91 2.50
CA ASN B 48 -28.85 -24.27 2.60
C ASN B 48 -29.63 -25.07 3.63
N VAL B 49 -29.86 -24.49 4.80
CA VAL B 49 -30.36 -25.24 5.95
C VAL B 49 -31.74 -24.73 6.35
N SER B 50 -32.67 -25.67 6.52
CA SER B 50 -34.03 -25.34 6.99
C SER B 50 -34.00 -25.05 8.48
N LEU B 51 -34.62 -23.93 8.88
CA LEU B 51 -34.76 -23.62 10.30
C LEU B 51 -35.83 -24.47 10.98
N ASN B 52 -36.61 -25.23 10.21
CA ASN B 52 -37.64 -26.06 10.83
C ASN B 52 -37.02 -27.10 11.75
N GLY B 53 -36.01 -27.82 11.27
CA GLY B 53 -35.35 -28.80 12.10
C GLY B 53 -33.83 -28.77 12.02
N LEU B 54 -33.28 -27.67 11.53
CA LEU B 54 -31.85 -27.53 11.23
C LEU B 54 -31.37 -28.70 10.36
N LYS B 55 -32.15 -28.97 9.31
CA LYS B 55 -31.90 -30.04 8.38
C LYS B 55 -31.33 -29.46 7.09
N GLU B 56 -30.30 -30.11 6.56
CA GLU B 56 -29.72 -29.68 5.31
C GLU B 56 -30.72 -29.85 4.17
N ILE B 57 -30.89 -28.80 3.37
CA ILE B 57 -31.81 -28.81 2.24
C ILE B 57 -31.07 -28.86 0.92
N ALA B 58 -29.96 -28.13 0.81
CA ALA B 58 -29.17 -28.12 -0.41
C ALA B 58 -27.72 -27.82 -0.04
N ARG B 59 -26.84 -28.09 -1.00
CA ARG B 59 -25.41 -27.98 -0.79
C ARG B 59 -24.78 -27.55 -2.10
N LEU B 60 -23.70 -26.77 -2.01
CA LEU B 60 -22.90 -26.42 -3.18
C LEU B 60 -21.43 -26.50 -2.79
N GLU B 61 -20.74 -27.53 -3.30
CA GLU B 61 -19.34 -27.77 -2.98
C GLU B 61 -18.43 -27.02 -3.96
N TRP B 62 -17.34 -26.45 -3.43
CA TRP B 62 -16.38 -25.71 -4.24
C TRP B 62 -15.02 -25.81 -3.56
N HIS B 63 -14.15 -26.67 -4.08
CA HIS B 63 -12.87 -27.00 -3.49
C HIS B 63 -11.75 -26.29 -4.25
N SER B 64 -10.73 -25.85 -3.50
CA SER B 64 -9.55 -25.26 -4.12
C SER B 64 -8.76 -26.32 -4.89
N THR B 65 -8.27 -25.94 -6.07
CA THR B 65 -7.47 -26.86 -6.86
C THR B 65 -6.17 -27.16 -6.13
N ASP B 66 -5.62 -28.35 -6.40
CA ASP B 66 -4.44 -28.78 -5.68
C ASP B 66 -3.26 -27.87 -5.96
N ALA B 67 -3.21 -27.28 -7.15
CA ALA B 67 -2.13 -26.35 -7.47
C ALA B 67 -2.29 -25.04 -6.71
N ASP B 68 -3.53 -24.57 -6.57
CA ASP B 68 -3.78 -23.32 -5.86
C ASP B 68 -3.54 -23.45 -4.37
N ARG B 69 -3.81 -24.63 -3.81
CA ARG B 69 -3.59 -24.84 -2.38
C ARG B 69 -2.18 -25.34 -2.06
N GLU B 70 -1.44 -25.81 -3.06
CA GLU B 70 -0.01 -25.99 -2.85
C GLU B 70 0.72 -24.65 -2.87
N LEU B 71 0.25 -23.70 -3.70
CA LEU B 71 0.79 -22.35 -3.67
C LEU B 71 0.56 -21.68 -2.33
N CYS B 72 -0.56 -21.98 -1.68
CA CYS B 72 -0.83 -21.35 -0.38
C CYS B 72 0.12 -21.88 0.69
N ALA B 73 0.27 -23.20 0.79
CA ALA B 73 1.20 -23.75 1.76
C ALA B 73 2.63 -23.38 1.42
N LEU B 74 2.90 -23.13 0.13
CA LEU B 74 4.24 -22.73 -0.28
C LEU B 74 4.63 -21.40 0.33
N LYS B 75 3.69 -20.44 0.32
CA LYS B 75 3.90 -19.08 0.82
C LYS B 75 3.78 -18.97 2.35
N GLY B 76 3.93 -20.07 3.08
CA GLY B 76 4.09 -20.01 4.52
C GLY B 76 2.85 -20.26 5.34
N LYS B 77 1.83 -20.87 4.78
CA LYS B 77 0.60 -21.15 5.50
C LYS B 77 0.51 -22.65 5.80
N HIS B 78 -0.48 -22.99 6.63
CA HIS B 78 -0.67 -24.35 7.11
C HIS B 78 -1.75 -25.05 6.31
N GLU B 79 -1.95 -26.33 6.60
CA GLU B 79 -3.00 -27.08 5.94
C GLU B 79 -4.37 -26.49 6.25
N TRP B 80 -4.65 -26.22 7.53
CA TRP B 80 -5.97 -25.73 7.92
C TRP B 80 -6.28 -24.34 7.37
N ASP B 81 -5.30 -23.63 6.82
CA ASP B 81 -5.54 -22.32 6.24
C ASP B 81 -5.79 -22.38 4.75
N CYS B 82 -5.25 -23.40 4.08
CA CYS B 82 -5.30 -23.49 2.62
C CYS B 82 -6.53 -24.29 2.20
N HIS B 83 -7.68 -23.66 2.39
CA HIS B 83 -8.95 -24.19 1.91
C HIS B 83 -9.74 -23.05 1.30
N ASN B 84 -10.86 -23.39 0.65
CA ASN B 84 -11.72 -22.40 0.00
C ASN B 84 -12.91 -22.08 0.90
N TYR B 85 -12.67 -21.21 1.87
CA TYR B 85 -13.70 -20.84 2.84
C TYR B 85 -14.70 -19.87 2.20
N LEU B 86 -15.91 -20.35 1.96
CA LEU B 86 -16.96 -19.52 1.39
C LEU B 86 -17.37 -18.41 2.36
N ARG B 87 -17.30 -17.14 1.89
CA ARG B 87 -17.46 -16.00 2.76
C ARG B 87 -18.26 -14.84 2.18
N VAL B 88 -18.77 -14.95 0.95
CA VAL B 88 -19.63 -13.92 0.39
C VAL B 88 -20.73 -14.56 -0.43
N TYR B 89 -21.98 -14.19 -0.14
CA TYR B 89 -23.15 -14.66 -0.86
C TYR B 89 -24.04 -13.46 -1.16
N ALA B 90 -24.70 -13.55 -2.31
CA ALA B 90 -25.62 -12.51 -2.75
C ALA B 90 -26.46 -13.06 -3.90
N LEU B 91 -27.78 -12.95 -3.81
CA LEU B 91 -28.65 -13.36 -4.90
C LEU B 91 -28.88 -12.14 -5.80
N ARG B 92 -28.41 -12.22 -7.03
CA ARG B 92 -28.49 -11.08 -7.93
C ARG B 92 -29.91 -10.91 -8.46
N PRO B 93 -30.29 -9.70 -8.88
CA PRO B 93 -31.69 -9.44 -9.23
C PRO B 93 -32.21 -10.24 -10.42
N ASN B 94 -31.36 -11.00 -11.12
CA ASN B 94 -31.77 -11.73 -12.29
C ASN B 94 -32.01 -13.22 -12.02
N GLY B 95 -31.91 -13.65 -10.77
CA GLY B 95 -31.91 -15.07 -10.44
C GLY B 95 -30.53 -15.68 -10.33
N GLU B 96 -29.49 -14.98 -10.78
CA GLU B 96 -28.12 -15.42 -10.66
C GLU B 96 -27.68 -15.46 -9.20
N VAL B 97 -26.59 -16.17 -8.93
CA VAL B 97 -26.06 -16.34 -7.57
C VAL B 97 -24.58 -15.95 -7.54
N LEU B 98 -24.25 -14.91 -6.76
CA LEU B 98 -22.87 -14.48 -6.57
C LEU B 98 -22.30 -15.17 -5.33
N LEU B 99 -21.17 -15.86 -5.51
CA LEU B 99 -20.62 -16.71 -4.48
C LEU B 99 -19.11 -16.60 -4.52
N CYS B 100 -18.50 -16.16 -3.42
CA CYS B 100 -17.06 -15.94 -3.36
C CYS B 100 -16.46 -16.71 -2.21
N GLY B 101 -15.19 -17.05 -2.34
CA GLY B 101 -14.52 -17.86 -1.35
C GLY B 101 -13.06 -17.46 -1.25
N THR B 102 -12.44 -17.84 -0.14
CA THR B 102 -11.07 -17.41 0.09
C THR B 102 -10.09 -18.11 -0.84
N ASN B 103 -10.37 -19.36 -1.20
CA ASN B 103 -9.57 -20.14 -2.15
C ASN B 103 -8.09 -20.13 -1.75
N SER B 104 -7.82 -20.57 -0.53
CA SER B 104 -6.46 -20.73 -0.04
C SER B 104 -5.63 -19.47 -0.24
N TYR B 105 -6.12 -18.37 0.33
CA TYR B 105 -5.45 -17.08 0.23
C TYR B 105 -5.26 -16.67 -1.24
N LYS B 106 -6.28 -16.96 -2.05
CA LYS B 106 -6.33 -16.50 -3.43
C LYS B 106 -7.81 -16.33 -3.79
N PRO B 107 -8.46 -15.30 -3.23
CA PRO B 107 -9.93 -15.24 -3.26
C PRO B 107 -10.49 -15.16 -4.68
N ARG B 108 -11.55 -15.94 -4.91
CA ARG B 108 -12.22 -15.98 -6.21
C ARG B 108 -13.70 -15.72 -6.02
N CYS B 109 -14.34 -15.22 -7.08
CA CYS B 109 -15.79 -15.06 -7.11
C CYS B 109 -16.35 -15.80 -8.33
N ARG B 110 -17.52 -16.40 -8.15
CA ARG B 110 -18.18 -17.15 -9.19
C ARG B 110 -19.60 -16.66 -9.37
N HIS B 111 -20.15 -16.95 -10.55
CA HIS B 111 -21.54 -16.66 -10.88
C HIS B 111 -22.22 -17.98 -11.21
N TYR B 112 -23.00 -18.49 -10.28
CA TYR B 112 -23.80 -19.69 -10.50
C TYR B 112 -25.17 -19.30 -11.06
N THR B 113 -25.56 -19.93 -12.16
CA THR B 113 -26.88 -19.72 -12.75
C THR B 113 -27.58 -21.06 -12.95
N PRO B 114 -28.87 -21.19 -12.59
CA PRO B 114 -29.63 -22.41 -12.84
C PRO B 114 -30.09 -22.55 -14.29
N ARG B 132 -28.92 -28.54 -10.89
CA ARG B 132 -29.39 -27.21 -10.54
C ARG B 132 -28.46 -26.10 -11.06
N TYR B 133 -27.48 -25.68 -10.26
CA TYR B 133 -26.61 -24.57 -10.62
C TYR B 133 -25.49 -25.02 -11.53
N GLU B 134 -24.95 -24.06 -12.29
CA GLU B 134 -23.87 -24.31 -13.23
C GLU B 134 -22.99 -23.05 -13.29
N VAL B 135 -21.67 -23.27 -13.35
CA VAL B 135 -20.74 -22.15 -13.28
C VAL B 135 -20.80 -21.33 -14.55
N SER B 136 -20.94 -20.02 -14.41
CA SER B 136 -21.10 -19.10 -15.53
C SER B 136 -20.05 -18.01 -15.58
N ARG B 137 -19.26 -17.83 -14.53
CA ARG B 137 -18.21 -16.83 -14.51
C ARG B 137 -17.32 -17.13 -13.32
N ASP B 138 -16.01 -16.98 -13.53
CA ASP B 138 -15.01 -17.15 -12.48
C ASP B 138 -13.94 -16.11 -12.75
N VAL B 139 -13.53 -15.41 -11.69
CA VAL B 139 -12.68 -14.23 -11.84
C VAL B 139 -12.03 -13.98 -10.49
N GLU B 140 -10.95 -13.19 -10.49
CA GLU B 140 -10.26 -12.83 -9.26
C GLU B 140 -11.19 -12.00 -8.36
N ALA B 141 -10.92 -12.06 -7.05
CA ALA B 141 -11.79 -11.43 -6.07
C ALA B 141 -11.02 -10.60 -5.07
N GLN B 142 -9.79 -10.22 -5.39
CA GLN B 142 -9.00 -9.38 -4.49
C GLN B 142 -9.77 -8.10 -4.20
N GLY B 143 -9.97 -7.81 -2.91
CA GLY B 143 -10.77 -6.67 -2.51
C GLY B 143 -12.26 -6.92 -2.42
N LEU B 144 -12.74 -8.05 -2.93
CA LEU B 144 -14.14 -8.41 -2.87
C LEU B 144 -14.44 -9.50 -1.85
N CYS B 145 -13.41 -10.16 -1.35
CA CYS B 145 -13.60 -11.33 -0.52
C CYS B 145 -12.33 -11.59 0.28
N PRO B 146 -12.42 -11.83 1.59
CA PRO B 146 -11.21 -11.97 2.40
C PRO B 146 -10.30 -13.10 1.91
N TYR B 147 -9.07 -13.06 2.38
CA TYR B 147 -8.13 -14.16 2.16
C TYR B 147 -8.23 -15.22 3.26
N SER B 148 -8.31 -14.80 4.52
CA SER B 148 -8.34 -15.60 5.74
C SER B 148 -9.77 -15.89 6.15
N PRO B 149 -10.02 -17.08 6.72
CA PRO B 149 -11.37 -17.41 7.19
C PRO B 149 -11.75 -16.71 8.49
N ALA B 150 -10.85 -15.94 9.10
CA ALA B 150 -11.15 -15.18 10.30
C ALA B 150 -12.34 -14.25 10.09
N HIS B 151 -13.06 -13.97 11.18
CA HIS B 151 -14.21 -13.07 11.15
C HIS B 151 -13.72 -11.61 11.22
N ASN B 152 -12.86 -11.29 10.24
CA ASN B 152 -12.19 -10.01 10.12
C ASN B 152 -12.90 -9.05 9.18
N SER B 153 -13.77 -9.54 8.32
CA SER B 153 -14.30 -8.84 7.16
C SER B 153 -15.82 -8.81 7.21
N THR B 154 -16.40 -8.05 6.27
CA THR B 154 -17.85 -7.96 6.14
C THR B 154 -18.16 -7.39 4.77
N TYR B 155 -19.45 -7.37 4.44
CA TYR B 155 -19.89 -6.88 3.14
C TYR B 155 -21.38 -6.58 3.22
N ALA B 156 -21.89 -5.91 2.18
CA ALA B 156 -23.31 -5.59 2.11
C ALA B 156 -23.69 -5.45 0.64
N PHE B 157 -24.56 -6.33 0.17
CA PHE B 157 -25.01 -6.30 -1.23
C PHE B 157 -26.21 -5.36 -1.31
N ALA B 158 -25.95 -4.09 -1.63
CA ALA B 158 -26.95 -3.04 -1.53
C ALA B 158 -27.28 -2.48 -2.92
N ASP B 159 -28.55 -2.61 -3.31
CA ASP B 159 -29.04 -2.12 -4.60
C ASP B 159 -28.23 -2.67 -5.76
N GLY B 160 -28.04 -3.99 -5.75
CA GLY B 160 -27.35 -4.68 -6.83
C GLY B 160 -25.88 -4.34 -6.96
N HIS B 161 -25.21 -4.06 -5.84
CA HIS B 161 -23.80 -3.73 -5.84
C HIS B 161 -23.19 -4.20 -4.53
N LEU B 162 -22.05 -4.88 -4.62
CA LEU B 162 -21.40 -5.44 -3.44
C LEU B 162 -20.45 -4.41 -2.83
N TYR B 163 -20.70 -4.04 -1.59
CA TYR B 163 -19.80 -3.17 -0.82
C TYR B 163 -18.97 -4.05 0.10
N SER B 164 -17.66 -4.05 -0.09
CA SER B 164 -16.78 -4.99 0.58
C SER B 164 -15.83 -4.26 1.50
N ALA B 165 -15.58 -4.85 2.67
CA ALA B 165 -14.65 -4.32 3.65
C ALA B 165 -13.77 -5.47 4.11
N THR B 166 -12.52 -5.49 3.67
CA THR B 166 -11.65 -6.64 3.85
C THR B 166 -10.20 -6.21 3.62
N VAL B 167 -9.34 -7.17 3.31
CA VAL B 167 -8.00 -6.86 2.84
C VAL B 167 -7.90 -7.34 1.39
N ALA B 168 -7.05 -6.67 0.63
CA ALA B 168 -6.87 -7.02 -0.77
C ALA B 168 -5.54 -7.71 -1.04
N ASP B 169 -4.67 -7.84 -0.03
CA ASP B 169 -3.35 -8.42 -0.18
C ASP B 169 -3.22 -9.69 0.64
N PHE B 170 -2.31 -10.56 0.20
CA PHE B 170 -2.04 -11.79 0.93
C PHE B 170 -1.52 -11.50 2.34
N SER B 171 -0.71 -10.45 2.48
CA SER B 171 -0.10 -10.12 3.76
C SER B 171 -1.05 -9.39 4.71
N GLY B 172 -2.24 -9.02 4.25
CA GLY B 172 -3.23 -8.43 5.13
C GLY B 172 -2.93 -7.03 5.61
N GLY B 173 -2.01 -6.31 4.96
CA GLY B 173 -1.71 -4.94 5.35
C GLY B 173 -2.31 -3.86 4.46
N ASP B 174 -3.24 -4.19 3.56
CA ASP B 174 -3.94 -3.21 2.73
C ASP B 174 -5.45 -3.33 2.96
N PRO B 175 -5.96 -2.78 4.06
CA PRO B 175 -7.41 -2.72 4.25
C PRO B 175 -8.06 -1.71 3.33
N LEU B 176 -9.31 -1.99 2.94
CA LEU B 176 -10.03 -1.08 2.08
C LEU B 176 -11.52 -1.32 2.22
N ILE B 177 -12.29 -0.34 1.76
CA ILE B 177 -13.72 -0.50 1.54
C ILE B 177 -13.97 -0.27 0.05
N TYR B 178 -14.33 -1.33 -0.66
CA TYR B 178 -14.36 -1.36 -2.12
C TYR B 178 -15.78 -1.54 -2.65
N ARG B 179 -16.14 -0.74 -3.65
CA ARG B 179 -17.31 -0.99 -4.49
C ARG B 179 -16.85 -0.96 -5.95
N GLU B 180 -17.77 -1.19 -6.89
CA GLU B 180 -17.45 -1.18 -8.31
C GLU B 180 -16.77 0.13 -8.70
N ASN B 181 -15.45 0.07 -8.92
CA ASN B 181 -14.62 1.18 -9.40
C ASN B 181 -14.35 2.25 -8.35
N LEU B 182 -14.50 1.93 -7.06
CA LEU B 182 -14.22 2.90 -6.01
C LEU B 182 -13.63 2.20 -4.81
N ARG B 183 -12.52 2.72 -4.30
CA ARG B 183 -11.86 2.15 -3.12
C ARG B 183 -11.34 3.27 -2.24
N THR B 184 -11.02 2.92 -1.01
CA THR B 184 -10.34 3.87 -0.14
C THR B 184 -8.87 3.99 -0.54
N GLU B 185 -8.20 4.97 0.06
CA GLU B 185 -6.81 5.24 -0.30
C GLU B 185 -5.91 4.11 0.22
N GLN B 186 -5.17 3.51 -0.70
CA GLN B 186 -4.27 2.42 -0.36
C GLN B 186 -3.22 2.89 0.65
N TYR B 187 -3.05 2.13 1.72
CA TYR B 187 -2.05 2.37 2.77
C TYR B 187 -2.25 3.69 3.48
N ASP B 188 -3.40 4.35 3.33
CA ASP B 188 -3.65 5.58 4.06
C ASP B 188 -4.16 5.23 5.45
N LEU B 189 -3.35 5.48 6.47
CA LEU B 189 -3.73 5.08 7.81
C LEU B 189 -4.74 6.03 8.46
N LYS B 190 -4.92 7.23 7.92
CA LYS B 190 -5.93 8.11 8.50
C LYS B 190 -7.34 7.65 8.14
N GLN B 191 -7.49 6.86 7.07
CA GLN B 191 -8.78 6.29 6.72
C GLN B 191 -8.99 4.92 7.35
N LEU B 192 -7.99 4.07 7.38
CA LEU B 192 -8.12 2.75 7.99
C LEU B 192 -6.76 2.31 8.51
N ASN B 193 -6.66 2.09 9.81
CA ASN B 193 -5.41 1.70 10.47
C ASN B 193 -5.60 0.35 11.16
N GLN B 194 -5.34 -0.74 10.42
CA GLN B 194 -5.40 -2.11 10.91
C GLN B 194 -6.77 -2.45 11.48
N PRO B 195 -7.82 -2.40 10.67
CA PRO B 195 -9.18 -2.57 11.20
C PRO B 195 -9.65 -4.01 11.21
N ASP B 196 -10.61 -4.27 12.09
CA ASP B 196 -11.35 -5.53 12.16
C ASP B 196 -12.84 -5.18 12.01
N PHE B 197 -13.42 -5.52 10.86
CA PHE B 197 -14.81 -5.18 10.59
C PHE B 197 -15.76 -6.18 11.25
N VAL B 198 -16.84 -5.66 11.83
CA VAL B 198 -17.81 -6.48 12.54
C VAL B 198 -19.20 -6.44 11.91
N GLY B 199 -19.47 -5.54 10.98
CA GLY B 199 -20.81 -5.50 10.39
C GLY B 199 -20.93 -4.38 9.39
N ALA B 200 -22.00 -4.47 8.59
CA ALA B 200 -22.28 -3.49 7.55
C ALA B 200 -23.78 -3.41 7.35
N ILE B 201 -24.32 -2.20 7.40
CA ILE B 201 -25.76 -1.96 7.31
C ILE B 201 -26.03 -1.02 6.15
N GLU B 202 -27.11 -1.29 5.41
CA GLU B 202 -27.60 -0.37 4.40
C GLU B 202 -28.64 0.55 5.02
N ARG B 203 -28.59 1.84 4.69
CA ARG B 203 -29.51 2.80 5.30
C ARG B 203 -29.57 4.08 4.50
N ASN B 204 -30.76 4.39 3.96
CA ASN B 204 -31.10 5.76 3.55
C ASN B 204 -30.12 6.34 2.53
N GLY B 205 -29.67 5.51 1.61
CA GLY B 205 -28.72 6.01 0.62
C GLY B 205 -27.28 6.06 1.07
N TYR B 206 -26.97 5.54 2.26
CA TYR B 206 -25.61 5.34 2.74
C TYR B 206 -25.36 3.84 2.93
N VAL B 207 -24.11 3.49 3.24
CA VAL B 207 -23.76 2.17 3.72
C VAL B 207 -22.85 2.37 4.93
N LEU B 208 -23.25 1.83 6.07
CA LEU B 208 -22.51 2.00 7.32
C LEU B 208 -21.63 0.79 7.55
N PHE B 209 -20.40 1.05 8.00
CA PHE B 209 -19.45 -0.01 8.32
C PHE B 209 -19.04 0.13 9.76
N PHE B 210 -19.09 -0.97 10.51
CA PHE B 210 -18.78 -1.00 11.93
C PHE B 210 -17.48 -1.77 12.13
N PHE B 211 -16.53 -1.17 12.81
CA PHE B 211 -15.25 -1.83 12.99
C PHE B 211 -14.48 -1.20 14.16
N ARG B 212 -13.46 -1.92 14.60
CA ARG B 212 -12.47 -1.41 15.53
C ARG B 212 -11.16 -1.17 14.78
N GLU B 213 -10.43 -0.15 15.22
CA GLU B 213 -9.30 0.39 14.46
C GLU B 213 -8.20 0.79 15.44
N LEU B 214 -6.99 0.96 14.91
CA LEU B 214 -5.91 1.53 15.70
C LEU B 214 -6.05 3.05 15.78
N SER B 215 -5.69 3.60 16.93
CA SER B 215 -5.85 5.02 17.19
C SER B 215 -4.59 5.76 16.74
N MET B 216 -4.73 6.59 15.71
CA MET B 216 -3.78 7.65 15.42
C MET B 216 -4.45 9.01 15.48
N GLU B 217 -5.71 9.07 15.94
CA GLU B 217 -6.47 10.31 15.96
C GLU B 217 -5.88 11.31 16.96
N VAL B 218 -5.54 10.84 18.16
CA VAL B 218 -5.03 11.70 19.22
C VAL B 218 -3.53 11.85 19.03
N MET B 219 -3.02 13.07 19.27
CA MET B 219 -1.61 13.36 19.04
C MET B 219 -0.70 12.53 19.94
N ASN B 220 -1.22 12.00 21.05
CA ASN B 220 -0.47 11.17 21.98
C ASN B 220 -0.97 9.73 21.99
N PHE B 221 -1.20 9.17 20.80
CA PHE B 221 -1.70 7.80 20.72
C PHE B 221 -0.60 6.80 21.06
N GLY B 222 -1.01 5.70 21.70
CA GLY B 222 -0.06 4.68 22.08
C GLY B 222 -0.61 3.28 21.88
N LYS B 223 -0.85 2.90 20.62
CA LYS B 223 -1.37 1.58 20.28
C LYS B 223 -2.71 1.28 20.96
N ALA B 224 -3.60 2.28 20.96
CA ALA B 224 -4.94 2.14 21.49
C ALA B 224 -5.91 1.74 20.39
N VAL B 225 -6.95 0.99 20.76
CA VAL B 225 -7.96 0.53 19.82
C VAL B 225 -9.26 1.25 20.11
N TYR B 226 -9.85 1.84 19.07
CA TYR B 226 -11.12 2.54 19.15
C TYR B 226 -12.07 1.97 18.11
N SER B 227 -13.36 2.07 18.38
CA SER B 227 -14.37 1.52 17.49
C SER B 227 -15.01 2.62 16.68
N ARG B 228 -15.21 2.37 15.39
CA ARG B 228 -15.69 3.38 14.47
C ARG B 228 -16.99 2.94 13.81
N VAL B 229 -17.75 3.92 13.34
CA VAL B 229 -18.78 3.70 12.34
C VAL B 229 -18.43 4.57 11.13
N ALA B 230 -18.34 3.95 9.96
CA ALA B 230 -17.97 4.62 8.72
C ALA B 230 -19.17 4.68 7.79
N ARG B 231 -19.04 5.49 6.74
CA ARG B 231 -20.17 5.78 5.87
C ARG B 231 -19.67 6.10 4.47
N VAL B 232 -20.36 5.59 3.46
CA VAL B 232 -20.10 5.98 2.06
C VAL B 232 -21.43 6.15 1.35
N CYS B 233 -21.51 7.15 0.49
CA CYS B 233 -22.73 7.35 -0.29
C CYS B 233 -22.84 6.26 -1.34
N LYS B 234 -24.08 5.83 -1.61
CA LYS B 234 -24.25 4.78 -2.61
C LYS B 234 -24.15 5.34 -4.03
N ASN B 235 -24.48 6.61 -4.23
CA ASN B 235 -24.38 7.26 -5.53
C ASN B 235 -23.04 7.94 -5.74
N ASP B 236 -22.03 7.52 -4.97
CA ASP B 236 -20.67 8.01 -5.17
C ASP B 236 -20.10 7.48 -6.48
N ARG B 237 -19.46 8.36 -7.25
CA ARG B 237 -18.90 7.97 -8.54
C ARG B 237 -17.45 8.38 -8.69
N GLY B 238 -16.78 8.70 -7.58
CA GLY B 238 -15.40 9.14 -7.63
C GLY B 238 -15.27 10.63 -7.92
N GLY B 239 -14.08 11.15 -7.65
CA GLY B 239 -13.81 12.54 -7.91
C GLY B 239 -13.37 12.77 -9.33
N PRO B 240 -13.06 14.01 -9.64
CA PRO B 240 -12.64 14.36 -11.01
C PRO B 240 -11.20 13.93 -11.29
N TYR B 241 -10.95 13.63 -12.57
CA TYR B 241 -9.62 13.30 -13.07
C TYR B 241 -9.04 12.09 -12.36
N SER B 242 -8.02 12.28 -11.52
CA SER B 242 -7.34 11.17 -10.89
C SER B 242 -8.11 10.59 -9.70
N HIS B 243 -8.97 11.39 -9.08
CA HIS B 243 -9.80 10.92 -7.96
C HIS B 243 -10.91 9.97 -8.40
N GLY B 244 -11.06 9.70 -9.69
CA GLY B 244 -12.15 8.89 -10.24
C GLY B 244 -12.23 7.46 -9.76
N LYS B 245 -11.23 6.99 -9.01
CA LYS B 245 -11.22 5.61 -8.48
C LYS B 245 -11.32 5.57 -6.95
N SER B 246 -11.67 6.68 -6.30
CA SER B 246 -11.65 6.73 -4.84
C SER B 246 -12.88 7.42 -4.28
N TRP B 247 -13.23 7.06 -3.04
CA TRP B 247 -14.43 7.57 -2.42
C TRP B 247 -14.34 9.07 -2.19
N THR B 248 -15.42 9.77 -2.47
CA THR B 248 -15.53 11.18 -2.13
C THR B 248 -16.43 11.41 -0.94
N SER B 249 -16.80 10.34 -0.22
CA SER B 249 -17.77 10.49 0.86
C SER B 249 -17.41 9.69 2.11
N PHE B 250 -16.19 9.16 2.20
CA PHE B 250 -15.85 8.31 3.33
C PHE B 250 -15.66 9.16 4.58
N LEU B 251 -16.46 8.88 5.61
CA LEU B 251 -16.39 9.57 6.90
C LEU B 251 -16.61 8.56 8.01
N LYS B 252 -15.94 8.76 9.14
CA LYS B 252 -16.08 7.85 10.26
C LYS B 252 -16.20 8.62 11.57
N ALA B 253 -16.82 7.97 12.55
CA ALA B 253 -17.02 8.54 13.87
C ALA B 253 -16.78 7.47 14.93
N ARG B 254 -16.29 7.91 16.09
CA ARG B 254 -16.07 6.98 17.19
C ARG B 254 -17.38 6.65 17.88
N LEU B 255 -17.52 5.39 18.30
CA LEU B 255 -18.67 4.98 19.10
C LEU B 255 -18.34 5.07 20.59
N ASN B 256 -19.28 5.61 21.36
CA ASN B 256 -19.11 5.86 22.79
C ASN B 256 -19.94 4.83 23.57
N CYS B 257 -19.29 3.78 24.06
CA CYS B 257 -19.92 2.79 24.94
C CYS B 257 -19.24 2.81 26.31
N SER B 258 -19.34 3.94 26.99
CA SER B 258 -18.67 4.09 28.28
C SER B 258 -19.70 4.14 29.41
N VAL B 259 -19.23 3.79 30.60
CA VAL B 259 -19.99 3.99 31.83
C VAL B 259 -19.74 5.42 32.29
N PRO B 260 -20.77 6.25 32.43
CA PRO B 260 -20.56 7.64 32.82
C PRO B 260 -20.32 7.83 34.32
N GLY B 261 -20.26 9.06 34.76
CA GLY B 261 -20.06 9.36 36.15
C GLY B 261 -18.70 9.99 36.40
N GLU B 262 -18.35 10.09 37.68
CA GLU B 262 -17.05 10.68 38.02
C GLU B 262 -15.90 9.77 37.60
N PHE B 263 -16.13 8.45 37.59
CA PHE B 263 -15.10 7.46 37.30
C PHE B 263 -15.47 6.71 36.02
N PRO B 264 -15.18 7.29 34.86
CA PRO B 264 -15.60 6.66 33.60
C PRO B 264 -14.91 5.32 33.38
N PHE B 265 -15.59 4.46 32.62
CA PHE B 265 -15.09 3.12 32.29
C PHE B 265 -15.43 2.86 30.84
N TYR B 266 -14.44 2.67 29.99
CA TYR B 266 -14.67 2.57 28.56
C TYR B 266 -14.53 1.12 28.09
N PHE B 267 -15.42 0.72 27.20
CA PHE B 267 -15.37 -0.56 26.48
C PHE B 267 -15.12 -0.21 25.01
N ASP B 268 -13.87 -0.28 24.57
CA ASP B 268 -13.45 0.38 23.33
C ASP B 268 -13.37 -0.56 22.13
N GLU B 269 -13.44 -1.86 22.31
CA GLU B 269 -13.29 -2.80 21.20
C GLU B 269 -14.64 -3.42 20.86
N ILE B 270 -15.23 -2.99 19.74
CA ILE B 270 -16.52 -3.50 19.33
C ILE B 270 -16.36 -4.91 18.78
N GLN B 271 -17.30 -5.77 19.12
CA GLN B 271 -17.17 -7.19 18.82
C GLN B 271 -18.24 -7.69 17.86
N ALA B 272 -19.47 -7.24 18.00
CA ALA B 272 -20.54 -7.67 17.12
C ALA B 272 -21.64 -6.64 17.13
N ILE B 273 -22.35 -6.52 16.02
CA ILE B 273 -23.52 -5.65 15.94
C ILE B 273 -24.74 -6.49 15.58
N SER B 274 -25.88 -5.85 15.59
CA SER B 274 -27.13 -6.45 15.17
C SER B 274 -27.65 -5.72 13.95
N PRO B 275 -28.59 -6.31 13.22
CA PRO B 275 -29.32 -5.53 12.21
C PRO B 275 -30.05 -4.38 12.88
N ILE B 276 -30.50 -3.43 12.05
CA ILE B 276 -31.31 -2.34 12.58
C ILE B 276 -32.58 -2.90 13.18
N VAL B 277 -32.91 -2.44 14.38
CA VAL B 277 -34.06 -2.92 15.15
C VAL B 277 -35.05 -1.77 15.29
N GLU B 278 -36.29 -2.01 14.90
CA GLU B 278 -37.32 -0.98 15.00
C GLU B 278 -38.00 -1.10 16.35
N SER B 279 -37.53 -0.33 17.32
CA SER B 279 -38.10 -0.30 18.67
C SER B 279 -39.04 0.90 18.74
N GLY B 280 -40.28 0.68 18.35
CA GLY B 280 -41.23 1.78 18.39
C GLY B 280 -40.87 2.77 17.31
N SER B 281 -40.83 4.06 17.66
CA SER B 281 -40.51 5.11 16.70
C SER B 281 -39.01 5.28 16.50
N LYS B 282 -38.19 4.60 17.29
CA LYS B 282 -36.75 4.74 17.25
C LYS B 282 -36.13 3.56 16.50
N SER B 283 -35.22 3.86 15.57
CA SER B 283 -34.38 2.82 14.96
C SER B 283 -33.11 2.69 15.78
N LEU B 284 -32.78 1.47 16.18
CA LEU B 284 -31.65 1.22 17.05
C LEU B 284 -30.74 0.15 16.46
N ILE B 285 -29.45 0.26 16.76
CA ILE B 285 -28.47 -0.78 16.46
C ILE B 285 -27.82 -1.19 17.76
N TYR B 286 -27.88 -2.49 18.08
CA TYR B 286 -27.31 -3.02 19.31
C TYR B 286 -25.92 -3.59 19.03
N ALA B 287 -24.98 -3.33 19.95
CA ALA B 287 -23.60 -3.73 19.74
C ALA B 287 -23.00 -4.27 21.03
N VAL B 288 -22.05 -5.19 20.87
CA VAL B 288 -21.29 -5.77 21.97
C VAL B 288 -19.90 -5.15 21.96
N PHE B 289 -19.45 -4.71 23.13
CA PHE B 289 -18.11 -4.13 23.26
C PHE B 289 -17.35 -4.87 24.34
N THR B 290 -16.02 -4.79 24.27
CA THR B 290 -15.15 -5.39 25.27
C THR B 290 -13.97 -4.47 25.54
N THR B 291 -13.27 -4.75 26.64
CA THR B 291 -12.10 -3.98 26.97
C THR B 291 -10.89 -4.50 26.19
N SER B 292 -9.85 -3.68 26.13
CA SER B 292 -8.66 -4.09 25.41
C SER B 292 -7.90 -5.16 26.20
N VAL B 293 -6.97 -5.82 25.50
CA VAL B 293 -6.10 -6.77 26.18
C VAL B 293 -5.16 -6.02 27.12
N ASN B 294 -4.69 -6.72 28.15
CA ASN B 294 -3.89 -6.13 29.23
C ASN B 294 -4.62 -4.96 29.88
N ALA B 295 -5.95 -5.08 29.96
CA ALA B 295 -6.77 -4.14 30.71
C ALA B 295 -7.72 -4.93 31.58
N ILE B 296 -8.45 -4.22 32.43
CA ILE B 296 -9.45 -4.85 33.31
C ILE B 296 -10.43 -5.58 32.39
N PRO B 297 -10.47 -6.90 32.40
CA PRO B 297 -11.31 -7.63 31.44
C PRO B 297 -12.79 -7.39 31.67
N GLY B 298 -13.52 -7.17 30.58
CA GLY B 298 -14.93 -6.82 30.71
C GLY B 298 -15.61 -6.70 29.36
N SER B 299 -16.93 -6.92 29.39
CA SER B 299 -17.79 -6.83 28.22
C SER B 299 -18.94 -5.89 28.52
N ALA B 300 -19.59 -5.43 27.45
CA ALA B 300 -20.74 -4.55 27.60
C ALA B 300 -21.63 -4.70 26.38
N VAL B 301 -22.89 -4.33 26.54
CA VAL B 301 -23.82 -4.18 25.42
C VAL B 301 -24.29 -2.75 25.39
N CYS B 302 -24.22 -2.12 24.22
CA CYS B 302 -24.68 -0.76 24.03
C CYS B 302 -25.65 -0.71 22.85
N ALA B 303 -26.40 0.38 22.77
CA ALA B 303 -27.34 0.55 21.68
C ALA B 303 -27.25 2.00 21.22
N PHE B 304 -27.28 2.19 19.91
CA PHE B 304 -27.10 3.52 19.33
C PHE B 304 -28.26 3.82 18.39
N ASN B 305 -28.84 5.01 18.53
CA ASN B 305 -29.92 5.38 17.62
C ASN B 305 -29.35 5.64 16.24
N VAL B 306 -30.05 5.16 15.20
CA VAL B 306 -29.58 5.36 13.85
C VAL B 306 -29.51 6.85 13.51
N ASP B 307 -30.41 7.66 14.09
CA ASP B 307 -30.37 9.11 13.88
C ASP B 307 -29.16 9.75 14.55
N ASP B 308 -28.70 9.19 15.67
CA ASP B 308 -27.51 9.72 16.33
C ASP B 308 -26.24 9.41 15.53
N ILE B 309 -26.21 8.24 14.89
CA ILE B 309 -25.08 7.88 14.03
C ILE B 309 -24.96 8.88 12.88
N LEU B 310 -26.05 9.09 12.15
CA LEU B 310 -26.02 10.01 11.02
C LEU B 310 -25.81 11.45 11.46
N ALA B 311 -26.32 11.83 12.64
CA ALA B 311 -26.17 13.22 13.07
C ALA B 311 -24.72 13.56 13.38
N ALA B 312 -23.90 12.57 13.74
CA ALA B 312 -22.50 12.86 14.05
C ALA B 312 -21.75 13.33 12.82
N PHE B 313 -22.14 12.86 11.64
CA PHE B 313 -21.50 13.26 10.38
C PHE B 313 -21.86 14.67 9.94
N ASP B 314 -22.64 15.39 10.74
CA ASP B 314 -23.04 16.77 10.46
C ASP B 314 -22.28 17.79 11.32
N GLY B 315 -21.46 17.33 12.27
CA GLY B 315 -20.71 18.22 13.13
C GLY B 315 -19.29 18.47 12.62
N GLU B 316 -18.43 18.94 13.51
CA GLU B 316 -17.10 19.34 13.10
C GLU B 316 -16.26 18.13 12.71
N PHE B 317 -15.22 18.39 11.92
CA PHE B 317 -14.22 17.38 11.57
C PHE B 317 -13.06 17.47 12.55
N LYS B 318 -12.33 16.37 12.68
CA LYS B 318 -11.18 16.34 13.55
C LYS B 318 -9.93 16.70 12.77
N SER B 319 -9.10 17.56 13.35
CA SER B 319 -7.92 18.07 12.66
C SER B 319 -6.84 17.00 12.52
N GLN B 320 -6.06 17.11 11.45
CA GLN B 320 -4.99 16.16 11.20
C GLN B 320 -3.80 16.45 12.10
N LYS B 321 -2.90 15.48 12.18
CA LYS B 321 -1.72 15.60 13.03
C LYS B 321 -0.68 16.51 12.38
N ASP B 322 -0.11 17.39 13.19
CA ASP B 322 0.93 18.32 12.74
C ASP B 322 2.11 18.22 13.69
N SER B 323 3.14 19.04 13.43
CA SER B 323 4.34 19.07 14.27
C SER B 323 4.12 19.82 15.58
N GLN B 324 3.13 20.72 15.65
CA GLN B 324 2.84 21.43 16.88
C GLN B 324 1.98 20.61 17.84
N SER B 325 0.88 20.05 17.33
CA SER B 325 -0.02 19.18 18.10
C SER B 325 -0.59 19.90 19.32
N HIS B 326 -1.14 21.10 19.09
CA HIS B 326 -1.80 21.91 20.10
C HIS B 326 -2.91 22.71 19.42
N TRP B 327 -3.93 22.02 18.91
CA TRP B 327 -5.00 22.70 18.19
C TRP B 327 -6.32 21.96 18.36
N LEU B 328 -7.41 22.72 18.26
CA LEU B 328 -8.80 22.29 18.34
C LEU B 328 -9.13 21.37 17.16
N PRO B 329 -10.40 20.95 16.99
CA PRO B 329 -10.79 20.33 15.72
C PRO B 329 -10.65 21.27 14.52
N VAL B 330 -11.09 20.81 13.35
CA VAL B 330 -10.87 21.57 12.12
C VAL B 330 -11.52 22.93 12.23
N GLU B 331 -10.76 23.98 11.87
CA GLU B 331 -11.32 25.32 11.76
C GLU B 331 -12.45 25.32 10.75
N ARG B 332 -13.61 25.84 11.15
CA ARG B 332 -14.81 25.80 10.31
C ARG B 332 -14.75 26.77 9.12
N GLU B 333 -13.64 27.48 8.93
CA GLU B 333 -13.42 28.30 7.75
C GLU B 333 -12.83 27.52 6.58
N GLN B 334 -12.34 26.30 6.82
CA GLN B 334 -11.76 25.45 5.78
C GLN B 334 -12.78 24.52 5.15
N VAL B 335 -13.97 24.41 5.71
CA VAL B 335 -14.99 23.53 5.12
C VAL B 335 -15.56 24.19 3.88
N PRO B 336 -15.62 23.49 2.74
CA PRO B 336 -16.15 24.10 1.52
C PRO B 336 -17.64 24.41 1.64
N LYS B 337 -18.14 25.18 0.68
CA LYS B 337 -19.55 25.59 0.70
C LYS B 337 -20.49 24.41 0.58
N PRO B 338 -20.31 23.46 -0.35
CA PRO B 338 -21.05 22.19 -0.26
C PRO B 338 -20.35 21.28 0.74
N ARG B 339 -21.03 20.98 1.84
CA ARG B 339 -20.37 20.28 2.94
C ARG B 339 -19.91 18.90 2.47
N PRO B 340 -18.66 18.53 2.77
CA PRO B 340 -18.19 17.19 2.37
C PRO B 340 -18.92 16.09 3.13
N GLY B 341 -19.21 15.00 2.42
CA GLY B 341 -19.93 13.88 2.96
C GLY B 341 -21.36 13.78 2.46
N GLN B 342 -21.98 14.92 2.14
CA GLN B 342 -23.29 14.90 1.50
C GLN B 342 -23.18 14.24 0.13
N CYS B 343 -24.26 13.59 -0.27
CA CYS B 343 -24.27 12.82 -1.52
C CYS B 343 -24.75 13.72 -2.66
N VAL B 344 -23.82 14.14 -3.50
CA VAL B 344 -24.12 14.93 -4.69
C VAL B 344 -24.40 13.99 -5.85
N GLU B 345 -25.23 14.45 -6.79
CA GLU B 345 -25.67 13.59 -7.89
C GLU B 345 -24.51 13.12 -8.74
N ASP B 346 -23.55 14.00 -9.01
CA ASP B 346 -22.33 13.64 -9.75
C ASP B 346 -21.12 14.09 -8.93
N SER B 347 -20.57 13.17 -8.13
CA SER B 347 -19.36 13.47 -7.36
C SER B 347 -18.16 13.78 -8.24
N ARG B 348 -18.23 13.52 -9.55
CA ARG B 348 -17.15 13.87 -10.46
C ARG B 348 -17.12 15.35 -10.78
N THR B 349 -18.07 16.14 -10.27
CA THR B 349 -18.10 17.58 -10.46
C THR B 349 -17.54 18.36 -9.29
N LEU B 350 -17.12 17.68 -8.22
CA LEU B 350 -16.54 18.33 -7.06
C LEU B 350 -15.18 18.94 -7.43
N THR B 351 -14.67 19.77 -6.52
CA THR B 351 -13.39 20.42 -6.75
C THR B 351 -12.26 19.60 -6.16
N SER B 352 -11.07 19.76 -6.74
CA SER B 352 -9.89 19.12 -6.15
C SER B 352 -9.71 19.56 -4.70
N ILE B 353 -10.07 20.81 -4.39
CA ILE B 353 -9.97 21.29 -3.01
C ILE B 353 -10.88 20.49 -2.11
N ALA B 354 -12.11 20.22 -2.55
CA ALA B 354 -13.10 19.55 -1.71
C ALA B 354 -12.76 18.08 -1.50
N VAL B 355 -12.39 17.37 -2.57
CA VAL B 355 -12.12 15.94 -2.45
C VAL B 355 -10.84 15.70 -1.65
N ASN B 356 -9.81 16.54 -1.87
CA ASN B 356 -8.60 16.39 -1.06
C ASN B 356 -8.87 16.69 0.41
N PHE B 357 -9.82 17.59 0.69
CA PHE B 357 -10.18 17.89 2.07
C PHE B 357 -10.73 16.67 2.77
N ILE B 358 -11.74 16.04 2.16
CA ILE B 358 -12.38 14.90 2.81
C ILE B 358 -11.45 13.69 2.89
N LYS B 359 -10.44 13.61 2.03
CA LYS B 359 -9.44 12.56 2.14
C LYS B 359 -8.40 12.83 3.22
N ASN B 360 -8.30 14.08 3.69
CA ASN B 360 -7.44 14.42 4.81
C ASN B 360 -8.19 14.67 6.11
N HIS B 361 -9.52 14.63 6.10
CA HIS B 361 -10.31 14.76 7.32
C HIS B 361 -11.46 13.74 7.30
N PRO B 362 -11.15 12.45 7.31
CA PRO B 362 -12.22 11.44 7.25
C PRO B 362 -12.85 11.15 8.59
N LEU B 363 -12.29 11.68 9.68
CA LEU B 363 -12.76 11.38 11.03
C LEU B 363 -13.53 12.57 11.57
N MET B 364 -14.74 12.31 12.07
CA MET B 364 -15.56 13.34 12.69
C MET B 364 -15.06 13.63 14.10
N GLU B 365 -15.43 14.81 14.60
CA GLU B 365 -14.99 15.23 15.92
C GLU B 365 -15.84 14.60 17.02
N GLU B 366 -17.15 14.62 16.85
CA GLU B 366 -18.05 14.14 17.88
C GLU B 366 -18.12 12.62 17.88
N ALA B 367 -18.31 12.06 19.05
CA ALA B 367 -18.50 10.62 19.20
C ALA B 367 -19.98 10.29 19.30
N VAL B 368 -20.38 9.19 18.68
CA VAL B 368 -21.78 8.79 18.66
C VAL B 368 -22.17 8.37 20.06
N PRO B 369 -23.12 9.06 20.70
CA PRO B 369 -23.52 8.69 22.05
C PRO B 369 -24.41 7.45 22.06
N ALA B 370 -24.52 6.85 23.25
CA ALA B 370 -25.29 5.63 23.43
C ALA B 370 -26.67 5.93 23.98
N VAL B 371 -27.61 5.02 23.70
CA VAL B 371 -28.95 5.12 24.25
C VAL B 371 -28.88 5.04 25.76
N HIS B 372 -29.63 5.92 26.45
CA HIS B 372 -29.64 6.03 27.91
C HIS B 372 -28.30 6.53 28.42
N GLY B 373 -27.37 6.82 27.51
CA GLY B 373 -26.06 7.31 27.88
C GLY B 373 -25.19 6.33 28.63
N ARG B 374 -25.56 5.06 28.68
CA ARG B 374 -24.76 4.07 29.41
C ARG B 374 -24.99 2.71 28.75
N PRO B 375 -24.18 1.70 29.09
CA PRO B 375 -24.43 0.35 28.59
C PRO B 375 -25.71 -0.24 29.18
N LEU B 376 -26.36 -1.10 28.37
CA LEU B 376 -27.58 -1.78 28.82
C LEU B 376 -27.29 -2.97 29.70
N LEU B 377 -26.11 -3.58 29.53
CA LEU B 377 -25.64 -4.68 30.37
C LEU B 377 -24.13 -4.59 30.44
N THR B 378 -23.55 -4.91 31.61
CA THR B 378 -22.11 -4.91 31.79
C THR B 378 -21.66 -6.17 32.51
N LYS B 379 -20.50 -6.70 32.10
CA LYS B 379 -19.90 -7.90 32.70
C LYS B 379 -18.41 -7.63 32.83
N VAL B 380 -18.01 -7.11 33.99
CA VAL B 380 -16.64 -6.72 34.26
C VAL B 380 -16.01 -7.74 35.20
N ASN B 381 -14.74 -8.06 34.93
CA ASN B 381 -13.93 -8.96 35.75
C ASN B 381 -14.55 -10.34 35.89
N LEU B 382 -15.42 -10.73 34.98
CA LEU B 382 -15.93 -12.10 34.96
C LEU B 382 -14.97 -12.99 34.18
N HIS B 383 -15.28 -14.28 34.11
CA HIS B 383 -14.39 -15.19 33.41
C HIS B 383 -14.62 -15.15 31.90
N HIS B 384 -15.83 -14.89 31.46
CA HIS B 384 -16.19 -14.94 30.05
C HIS B 384 -16.42 -13.54 29.47
N ARG B 385 -16.40 -13.47 28.15
CA ARG B 385 -16.61 -12.24 27.41
C ARG B 385 -17.78 -12.41 26.46
N LEU B 386 -18.51 -11.31 26.22
CA LEU B 386 -19.64 -11.35 25.29
C LEU B 386 -19.12 -11.27 23.85
N THR B 387 -19.81 -11.97 22.94
CA THR B 387 -19.32 -12.13 21.57
C THR B 387 -20.35 -11.93 20.48
N ALA B 388 -21.64 -12.04 20.78
CA ALA B 388 -22.65 -11.90 19.73
C ALA B 388 -23.90 -11.31 20.33
N ILE B 389 -24.75 -10.76 19.45
CA ILE B 389 -25.93 -10.02 19.87
C ILE B 389 -27.07 -10.30 18.91
N ALA B 390 -28.28 -10.37 19.46
CA ALA B 390 -29.51 -10.47 18.69
C ALA B 390 -30.68 -10.03 19.57
N VAL B 391 -31.70 -9.45 18.94
CA VAL B 391 -32.79 -8.80 19.67
C VAL B 391 -34.13 -9.23 19.11
N HIS B 392 -35.08 -9.55 20.01
CA HIS B 392 -36.49 -9.73 19.70
C HIS B 392 -37.24 -8.45 20.05
N PRO B 393 -37.53 -7.58 19.08
CA PRO B 393 -38.03 -6.25 19.42
C PRO B 393 -39.51 -6.22 19.79
N GLN B 394 -39.81 -5.36 20.75
CA GLN B 394 -41.17 -4.91 21.03
C GLN B 394 -42.07 -6.09 21.46
N VAL B 395 -41.62 -6.77 22.51
CA VAL B 395 -42.42 -7.78 23.19
C VAL B 395 -43.34 -7.07 24.18
N LYS B 396 -44.65 -7.09 23.91
CA LYS B 396 -45.62 -6.38 24.73
C LYS B 396 -45.85 -7.12 26.04
N SER B 397 -45.56 -6.46 27.17
CA SER B 397 -45.68 -7.09 28.48
C SER B 397 -47.15 -7.16 28.90
N LEU B 398 -47.40 -7.57 30.14
CA LEU B 398 -48.77 -7.71 30.62
C LEU B 398 -49.42 -6.36 30.81
N SER B 399 -48.66 -5.39 31.31
CA SER B 399 -49.16 -4.03 31.47
C SER B 399 -49.33 -3.30 30.14
N GLY B 400 -48.87 -3.89 29.03
CA GLY B 400 -48.91 -3.23 27.74
C GLY B 400 -47.67 -2.46 27.37
N ALA B 401 -46.66 -2.49 28.22
CA ALA B 401 -45.36 -1.89 27.90
C ALA B 401 -44.63 -2.75 26.89
N TYR B 402 -43.90 -2.10 25.99
CA TYR B 402 -43.09 -2.78 24.99
C TYR B 402 -41.64 -2.83 25.46
N TYR B 403 -41.07 -4.03 25.52
CA TYR B 403 -39.68 -4.21 25.92
C TYR B 403 -38.96 -4.98 24.83
N ASP B 404 -37.79 -4.49 24.44
CA ASP B 404 -36.90 -5.28 23.58
C ASP B 404 -36.22 -6.35 24.42
N VAL B 405 -36.25 -7.58 23.95
CA VAL B 405 -35.57 -8.68 24.63
C VAL B 405 -34.24 -8.91 23.94
N ILE B 406 -33.16 -8.86 24.72
CA ILE B 406 -31.81 -8.86 24.18
C ILE B 406 -31.15 -10.20 24.49
N TYR B 407 -30.59 -10.83 23.46
CA TYR B 407 -29.85 -12.08 23.60
C TYR B 407 -28.38 -11.81 23.26
N SER B 408 -27.49 -12.12 24.18
CA SER B 408 -26.07 -11.95 23.98
C SER B 408 -25.34 -13.24 24.37
N GLY B 409 -24.56 -13.77 23.43
CA GLY B 409 -23.80 -14.98 23.68
C GLY B 409 -22.39 -14.68 24.18
N THR B 410 -21.88 -15.59 24.99
CA THR B 410 -20.54 -15.48 25.55
C THR B 410 -19.57 -16.38 24.81
N ASP B 411 -18.28 -16.16 25.06
CA ASP B 411 -17.22 -16.96 24.43
C ASP B 411 -17.05 -18.33 25.06
N ASP B 412 -17.89 -18.72 26.02
CA ASP B 412 -17.90 -20.07 26.57
C ASP B 412 -19.25 -20.74 26.42
N GLY B 413 -20.06 -20.29 25.45
CA GLY B 413 -21.25 -21.01 25.06
C GLY B 413 -22.51 -20.76 25.86
N LYS B 414 -22.64 -19.60 26.50
CA LYS B 414 -23.87 -19.24 27.17
C LYS B 414 -24.63 -18.21 26.36
N VAL B 415 -25.92 -18.07 26.66
CA VAL B 415 -26.74 -17.00 26.09
C VAL B 415 -27.47 -16.29 27.23
N THR B 416 -27.22 -15.00 27.37
CA THR B 416 -27.87 -14.17 28.37
C THR B 416 -29.06 -13.47 27.76
N LYS B 417 -30.21 -13.57 28.42
CA LYS B 417 -31.44 -12.89 28.02
C LYS B 417 -31.75 -11.81 29.06
N PHE B 418 -32.15 -10.63 28.59
CA PHE B 418 -32.41 -9.53 29.52
C PHE B 418 -33.21 -8.43 28.84
N ILE B 419 -33.82 -7.57 29.67
CA ILE B 419 -34.49 -6.36 29.24
C ILE B 419 -33.94 -5.21 30.07
N ASN B 420 -34.36 -3.99 29.72
CA ASN B 420 -34.03 -2.79 30.48
C ASN B 420 -35.31 -2.05 30.82
N ILE B 421 -35.44 -1.63 32.06
CA ILE B 421 -36.60 -0.87 32.53
C ILE B 421 -36.12 0.50 32.96
N LEU B 422 -36.79 1.54 32.48
CA LEU B 422 -36.42 2.92 32.80
C LEU B 422 -37.41 3.44 33.84
N SER B 423 -37.20 3.02 35.09
CA SER B 423 -38.07 3.45 36.18
C SER B 423 -37.89 4.94 36.42
N THR B 424 -38.98 5.70 36.33
CA THR B 424 -38.92 7.15 36.46
C THR B 424 -38.97 7.53 37.93
N HIS B 425 -37.89 8.12 38.43
CA HIS B 425 -37.76 8.54 39.81
C HIS B 425 -38.12 7.44 40.82
N PRO B 426 -37.38 6.32 40.82
CA PRO B 426 -37.65 5.27 41.81
C PRO B 426 -36.85 5.47 43.09
N ASN B 427 -35.64 6.03 42.98
CA ASN B 427 -34.78 6.25 44.14
C ASN B 427 -34.05 7.59 44.11
N SER B 428 -34.18 8.37 43.03
CA SER B 428 -33.52 9.67 42.93
C SER B 428 -34.28 10.50 41.89
N THR B 429 -33.85 11.76 41.73
CA THR B 429 -34.51 12.65 40.77
C THR B 429 -34.10 12.36 39.33
N VAL B 430 -32.89 11.84 39.11
CA VAL B 430 -32.44 11.42 37.78
C VAL B 430 -32.95 10.01 37.52
N ASP B 431 -33.47 9.79 36.31
CA ASP B 431 -34.03 8.48 35.97
C ASP B 431 -32.95 7.40 36.05
N ARG B 432 -33.32 6.26 36.64
CA ARG B 432 -32.38 5.16 36.86
C ARG B 432 -32.74 3.99 35.94
N LEU B 433 -31.77 3.58 35.13
CA LEU B 433 -31.91 2.43 34.24
C LEU B 433 -31.50 1.16 34.96
N LYS B 434 -32.28 0.10 34.80
CA LYS B 434 -32.00 -1.15 35.46
C LYS B 434 -32.00 -2.30 34.45
N THR B 435 -31.12 -3.25 34.69
CA THR B 435 -31.00 -4.44 33.87
C THR B 435 -31.73 -5.59 34.56
N VAL B 436 -32.72 -6.16 33.87
CA VAL B 436 -33.47 -7.31 34.37
C VAL B 436 -32.99 -8.52 33.58
N VAL B 437 -32.24 -9.39 34.24
CA VAL B 437 -31.70 -10.59 33.59
C VAL B 437 -32.73 -11.70 33.68
N ILE B 438 -33.13 -12.22 32.52
CA ILE B 438 -34.18 -13.23 32.49
C ILE B 438 -33.60 -14.62 32.70
N SER B 439 -32.54 -14.94 31.98
CA SER B 439 -31.88 -16.25 32.08
C SER B 439 -30.49 -16.14 31.49
N GLU B 440 -29.56 -16.96 32.02
CA GLU B 440 -28.20 -17.07 31.48
C GLU B 440 -27.87 -18.55 31.46
N MET B 441 -28.19 -19.23 30.36
CA MET B 441 -28.07 -20.68 30.31
C MET B 441 -26.95 -21.10 29.38
N GLN B 442 -26.50 -22.34 29.57
CA GLN B 442 -25.49 -22.95 28.74
C GLN B 442 -26.16 -23.59 27.53
N VAL B 443 -25.75 -23.18 26.34
CA VAL B 443 -26.29 -23.73 25.11
C VAL B 443 -25.29 -24.65 24.41
N LEU B 444 -24.09 -24.17 24.23
CA LEU B 444 -23.01 -24.94 23.64
C LEU B 444 -22.12 -25.53 24.73
N PRO B 445 -21.35 -26.58 24.43
CA PRO B 445 -20.42 -27.13 25.42
C PRO B 445 -19.55 -26.09 26.09
N LEU B 446 -19.05 -26.40 27.30
CA LEU B 446 -18.60 -25.37 28.24
C LEU B 446 -17.56 -24.41 27.66
N GLY B 447 -16.80 -24.83 26.67
CA GLY B 447 -15.73 -23.95 26.22
C GLY B 447 -15.90 -23.29 24.87
N THR B 448 -16.97 -23.62 24.16
CA THR B 448 -17.01 -23.29 22.74
C THR B 448 -17.53 -21.87 22.55
N PRO B 449 -16.84 -21.04 21.78
CA PRO B 449 -17.27 -19.65 21.61
C PRO B 449 -18.47 -19.53 20.69
N ILE B 450 -19.45 -18.73 21.12
CA ILE B 450 -20.62 -18.41 20.29
C ILE B 450 -20.23 -17.30 19.31
N ARG B 451 -20.26 -17.62 18.02
CA ARG B 451 -19.85 -16.66 17.00
C ARG B 451 -20.97 -15.71 16.60
N GLU B 452 -22.18 -16.22 16.35
CA GLU B 452 -23.27 -15.37 15.89
C GLU B 452 -24.57 -15.85 16.53
N LEU B 453 -25.62 -15.03 16.38
CA LEU B 453 -26.97 -15.42 16.76
C LEU B 453 -27.93 -14.97 15.67
N VAL B 454 -28.91 -15.82 15.39
CA VAL B 454 -29.95 -15.55 14.41
C VAL B 454 -31.30 -15.86 15.06
N ILE B 455 -32.23 -14.90 14.99
CA ILE B 455 -33.52 -15.02 15.65
C ILE B 455 -34.60 -15.31 14.61
N SER B 456 -35.48 -16.26 14.94
CA SER B 456 -36.64 -16.57 14.12
C SER B 456 -37.87 -16.37 15.02
N THR B 457 -38.44 -15.16 14.97
CA THR B 457 -39.62 -14.88 15.77
C THR B 457 -40.80 -15.75 15.39
N SER B 458 -40.79 -16.32 14.18
CA SER B 458 -41.87 -17.17 13.73
C SER B 458 -41.85 -18.51 14.45
N LYS B 459 -40.73 -19.22 14.38
CA LYS B 459 -40.63 -20.54 14.99
C LYS B 459 -40.31 -20.50 16.48
N ASN B 460 -40.26 -19.30 17.07
CA ASN B 460 -39.88 -19.13 18.47
C ASN B 460 -38.57 -19.86 18.77
N SER B 461 -37.60 -19.73 17.86
CA SER B 461 -36.32 -20.41 17.97
C SER B 461 -35.19 -19.42 17.83
N LEU B 462 -34.12 -19.65 18.59
CA LEU B 462 -32.89 -18.86 18.55
C LEU B 462 -31.77 -19.78 18.08
N VAL B 463 -31.23 -19.50 16.90
CA VAL B 463 -30.15 -20.31 16.33
C VAL B 463 -28.82 -19.78 16.84
N VAL B 464 -28.07 -20.65 17.53
CA VAL B 464 -26.76 -20.30 18.04
C VAL B 464 -25.73 -20.86 17.07
N VAL B 465 -24.77 -20.03 16.67
CA VAL B 465 -23.78 -20.39 15.66
C VAL B 465 -22.41 -20.42 16.31
N SER B 466 -21.76 -21.58 16.24
CA SER B 466 -20.37 -21.76 16.62
C SER B 466 -19.55 -21.99 15.37
N ASP B 467 -18.28 -22.36 15.55
CA ASP B 467 -17.41 -22.55 14.40
C ASP B 467 -17.83 -23.76 13.57
N GLY B 468 -18.24 -24.83 14.23
CA GLY B 468 -18.63 -25.98 13.46
C GLY B 468 -20.01 -26.53 13.78
N SER B 469 -20.93 -25.71 14.29
CA SER B 469 -22.25 -26.24 14.57
C SER B 469 -23.26 -25.11 14.53
N LEU B 470 -24.53 -25.50 14.41
CA LEU B 470 -25.67 -24.63 14.69
C LEU B 470 -26.58 -25.35 15.67
N VAL B 471 -26.93 -24.69 16.75
CA VAL B 471 -27.86 -25.22 17.73
C VAL B 471 -29.03 -24.24 17.83
N SER B 472 -30.24 -24.77 17.94
CA SER B 472 -31.42 -23.95 18.15
C SER B 472 -31.99 -24.21 19.54
N VAL B 473 -32.41 -23.13 20.20
CA VAL B 473 -33.01 -23.22 21.52
C VAL B 473 -34.32 -22.45 21.46
N PRO B 474 -35.20 -22.60 22.45
CA PRO B 474 -36.44 -21.81 22.45
C PRO B 474 -36.14 -20.33 22.64
N LEU B 475 -36.84 -19.50 21.87
CA LEU B 475 -36.71 -18.06 22.03
C LEU B 475 -37.36 -17.61 23.35
N HIS B 476 -38.50 -18.18 23.70
CA HIS B 476 -39.19 -17.89 24.95
C HIS B 476 -39.60 -19.19 25.61
N HIS B 477 -39.36 -19.29 26.93
CA HIS B 477 -39.51 -20.53 27.68
C HIS B 477 -40.81 -20.60 28.47
N CYS B 478 -41.90 -19.99 27.97
CA CYS B 478 -43.11 -19.93 28.79
C CYS B 478 -43.72 -21.31 28.98
N SER B 479 -43.70 -22.13 27.93
CA SER B 479 -44.34 -23.44 28.01
C SER B 479 -43.61 -24.37 28.96
N HIS B 480 -42.29 -24.20 29.10
CA HIS B 480 -41.49 -25.18 29.84
C HIS B 480 -41.75 -25.13 31.34
N ILE B 481 -41.93 -23.93 31.89
CA ILE B 481 -42.07 -23.78 33.34
C ILE B 481 -43.50 -24.15 33.74
N VAL B 482 -43.64 -24.72 34.94
CA VAL B 482 -44.93 -25.15 35.47
C VAL B 482 -45.17 -24.66 36.89
N ASP B 483 -44.23 -23.97 37.50
CA ASP B 483 -44.34 -23.49 38.87
C ASP B 483 -44.62 -21.99 38.89
N CYS B 484 -45.41 -21.54 39.87
CA CYS B 484 -45.74 -20.11 39.95
C CYS B 484 -44.51 -19.27 40.24
N LEU B 485 -43.69 -19.69 41.20
CA LEU B 485 -42.49 -18.94 41.53
C LEU B 485 -41.59 -18.78 40.32
N GLY B 486 -41.43 -19.85 39.53
CA GLY B 486 -40.59 -19.79 38.36
C GLY B 486 -41.12 -18.85 37.29
N CYS B 487 -42.44 -18.85 37.10
CA CYS B 487 -43.04 -17.99 36.07
C CYS B 487 -42.85 -16.51 36.38
N LEU B 488 -42.95 -16.13 37.66
CA LEU B 488 -42.74 -14.73 38.00
C LEU B 488 -41.28 -14.36 38.21
N SER B 489 -40.48 -15.28 38.76
CA SER B 489 -39.04 -15.02 38.92
C SER B 489 -38.33 -14.93 37.58
N LEU B 490 -38.87 -15.54 36.54
CA LEU B 490 -38.25 -15.48 35.22
C LEU B 490 -38.17 -14.05 34.72
N GLN B 491 -39.23 -13.28 34.95
CA GLN B 491 -39.31 -11.87 34.57
C GLN B 491 -39.15 -11.68 33.06
N ASP B 492 -39.50 -12.69 32.29
CA ASP B 492 -39.62 -12.52 30.84
C ASP B 492 -40.84 -11.66 30.55
N PRO B 493 -40.70 -10.59 29.75
CA PRO B 493 -41.86 -9.72 29.49
C PRO B 493 -43.01 -10.43 28.78
N ILE B 494 -42.81 -11.65 28.29
CA ILE B 494 -43.84 -12.34 27.53
C ILE B 494 -44.50 -13.46 28.30
N CYS B 495 -43.94 -13.89 29.43
CA CYS B 495 -44.52 -14.97 30.23
C CYS B 495 -45.20 -14.40 31.47
N ALA B 496 -46.42 -14.87 31.73
CA ALA B 496 -47.19 -14.43 32.88
C ALA B 496 -47.99 -15.60 33.41
N TRP B 497 -48.20 -15.59 34.72
CA TRP B 497 -48.86 -16.69 35.41
C TRP B 497 -50.36 -16.46 35.44
N ASP B 498 -51.12 -17.39 34.87
CA ASP B 498 -52.57 -17.37 34.96
C ASP B 498 -53.02 -17.92 36.30
N LEU B 499 -54.15 -17.42 36.80
CA LEU B 499 -54.70 -17.87 38.07
C LEU B 499 -55.96 -18.69 37.93
N GLN B 500 -56.69 -18.55 36.83
CA GLN B 500 -57.75 -19.50 36.51
C GLN B 500 -57.14 -20.83 36.06
N THR B 501 -56.33 -20.79 35.01
CA THR B 501 -55.50 -21.92 34.62
C THR B 501 -54.18 -21.85 35.36
N HIS B 502 -53.72 -23.00 35.85
CA HIS B 502 -52.42 -22.99 36.53
C HIS B 502 -51.25 -22.86 35.57
N GLU B 503 -51.47 -22.83 34.26
CA GLU B 503 -50.38 -22.81 33.31
C GLU B 503 -49.78 -21.41 33.16
N CYS B 504 -48.44 -21.32 33.23
CA CYS B 504 -47.71 -20.12 32.85
C CYS B 504 -47.81 -19.91 31.34
N LYS B 505 -48.49 -18.84 30.91
CA LYS B 505 -48.92 -18.69 29.53
C LYS B 505 -48.12 -17.63 28.78
N ASN B 506 -48.12 -17.76 27.45
CA ASN B 506 -47.43 -16.84 26.55
C ASN B 506 -48.42 -15.78 26.07
N LEU B 507 -48.12 -14.51 26.35
CA LEU B 507 -49.04 -13.41 26.06
C LEU B 507 -49.15 -13.09 24.58
N ALA B 508 -48.23 -13.58 23.74
CA ALA B 508 -48.37 -13.38 22.31
C ALA B 508 -49.64 -14.05 21.77
N THR B 509 -49.97 -15.23 22.30
CA THR B 509 -51.16 -15.96 21.87
C THR B 509 -52.36 -15.73 22.78
N SER B 510 -52.15 -15.22 23.98
CA SER B 510 -53.23 -15.00 24.93
C SER B 510 -53.85 -13.61 24.72
N GLN B 511 -54.92 -13.33 25.46
CA GLN B 511 -55.64 -12.06 25.36
C GLN B 511 -56.07 -11.65 26.76
N HIS B 512 -55.31 -10.76 27.38
CA HIS B 512 -55.74 -10.14 28.62
C HIS B 512 -56.65 -8.96 28.30
N LYS B 513 -57.26 -8.40 29.36
CA LYS B 513 -58.17 -7.28 29.12
C LYS B 513 -57.98 -6.13 30.10
N PHE B 514 -56.79 -5.98 30.69
CA PHE B 514 -56.43 -4.81 31.49
C PHE B 514 -57.25 -4.64 32.77
N GLY B 515 -58.48 -5.15 32.80
CA GLY B 515 -59.29 -5.00 34.00
C GLY B 515 -59.61 -6.31 34.69
N THR B 516 -58.75 -7.32 34.52
CA THR B 516 -58.96 -8.64 35.08
C THR B 516 -57.75 -9.05 35.90
N LYS B 517 -57.99 -9.60 37.09
CA LYS B 517 -56.93 -10.06 37.97
C LYS B 517 -56.46 -11.46 37.63
N THR B 518 -56.71 -11.93 36.41
CA THR B 518 -56.34 -13.29 36.03
C THR B 518 -54.83 -13.47 35.98
N TYR B 519 -54.16 -12.76 35.08
CA TYR B 519 -52.73 -12.95 34.86
C TYR B 519 -51.91 -12.18 35.90
N LEU B 520 -50.70 -12.68 36.16
CA LEU B 520 -49.81 -12.11 37.16
C LEU B 520 -48.39 -12.02 36.62
N GLN B 521 -47.80 -10.83 36.68
CA GLN B 521 -46.45 -10.62 36.18
C GLN B 521 -45.77 -9.49 36.95
N SER B 522 -44.51 -9.70 37.30
CA SER B 522 -43.75 -8.70 38.04
C SER B 522 -42.37 -8.57 37.43
N LEU B 523 -42.07 -7.40 36.87
CA LEU B 523 -40.80 -7.12 36.21
C LEU B 523 -39.98 -6.04 36.92
N ASN B 524 -40.62 -5.02 37.48
CA ASN B 524 -39.88 -3.93 38.12
C ASN B 524 -39.30 -4.33 39.46
N SER B 525 -39.97 -5.21 40.20
CA SER B 525 -39.50 -5.61 41.51
C SER B 525 -38.25 -6.48 41.39
N THR B 526 -37.77 -6.95 42.53
CA THR B 526 -36.75 -7.98 42.58
C THR B 526 -37.37 -9.34 42.24
N LYS B 527 -36.50 -10.34 42.04
CA LYS B 527 -36.99 -11.66 41.67
C LYS B 527 -37.68 -12.36 42.84
N LYS B 528 -37.18 -12.15 44.06
CA LYS B 528 -37.85 -12.72 45.23
C LYS B 528 -39.19 -12.03 45.49
N ALA B 529 -39.30 -10.74 45.16
CA ALA B 529 -40.56 -10.04 45.35
C ALA B 529 -41.62 -10.52 44.36
N ALA B 530 -41.22 -10.89 43.15
CA ALA B 530 -42.18 -11.48 42.21
C ALA B 530 -42.76 -12.77 42.77
N ALA B 531 -41.95 -13.54 43.49
CA ALA B 531 -42.41 -14.82 44.03
C ALA B 531 -43.47 -14.64 45.12
N LEU B 532 -43.36 -13.58 45.92
CA LEU B 532 -44.32 -13.33 46.98
C LEU B 532 -45.73 -13.08 46.43
N LEU B 533 -45.84 -12.64 45.18
CA LEU B 533 -47.15 -12.47 44.56
C LEU B 533 -47.87 -13.81 44.38
N CYS B 534 -47.14 -14.92 44.39
CA CYS B 534 -47.76 -16.23 44.29
C CYS B 534 -48.39 -16.60 45.62
N PRO B 535 -49.69 -16.87 45.66
CA PRO B 535 -50.30 -17.31 46.93
C PRO B 535 -50.04 -18.78 47.20
N HIS B 536 -49.76 -19.10 48.47
CA HIS B 536 -49.58 -20.47 48.95
C HIS B 536 -48.50 -21.25 48.19
C1 NAG C . -19.33 9.44 26.26
C2 NAG C . -18.35 10.61 26.20
C3 NAG C . -18.20 11.25 27.58
C4 NAG C . -19.56 11.62 28.15
C5 NAG C . -20.46 10.40 28.16
C6 NAG C . -21.87 10.69 28.64
C7 NAG C . -16.60 10.50 24.47
C8 NAG C . -15.25 9.98 24.12
N2 NAG C . -17.05 10.19 25.69
O3 NAG C . -17.37 12.40 27.48
O4 NAG C . -19.42 12.11 29.48
O5 NAG C . -20.57 9.87 26.83
O6 NAG C . -22.76 10.98 27.56
O7 NAG C . -17.25 11.17 23.68
C1 NAG C . -19.65 13.53 29.48
C2 NAG C . -20.23 13.95 30.84
C3 NAG C . -20.43 15.47 30.88
C4 NAG C . -19.14 16.19 30.49
C5 NAG C . -18.59 15.65 29.17
C6 NAG C . -17.24 16.20 28.80
C7 NAG C . -21.60 12.23 31.93
C8 NAG C . -22.97 11.67 32.10
N2 NAG C . -21.49 13.28 31.10
O3 NAG C . -20.83 15.85 32.19
O4 NAG C . -19.44 17.58 30.36
O5 NAG C . -18.44 14.22 29.25
O6 NAG C . -16.23 15.19 28.81
O7 NAG C . -20.63 11.75 32.50
C1 BMA C . -18.53 18.37 31.16
C2 BMA C . -18.13 19.60 30.35
C3 BMA C . -17.00 20.23 31.14
C4 BMA C . -17.51 20.68 32.53
C5 BMA C . -18.12 19.46 33.27
C6 BMA C . -18.75 19.84 34.61
O2 BMA C . -19.23 20.50 30.32
O3 BMA C . -16.19 21.26 30.47
O4 BMA C . -16.44 21.20 33.29
O5 BMA C . -19.10 18.81 32.41
O6 BMA C . -20.17 19.72 34.52
C1 MAN C . -16.87 22.15 29.55
C2 MAN C . -15.75 22.86 28.76
C3 MAN C . -14.96 23.76 29.74
C4 MAN C . -15.91 24.76 30.46
C5 MAN C . -17.08 23.99 31.16
C6 MAN C . -18.14 24.89 31.82
O2 MAN C . -16.29 23.75 27.78
O3 MAN C . -13.88 24.45 29.09
O4 MAN C . -15.19 25.50 31.44
O5 MAN C . -17.73 23.07 30.20
O6 MAN C . -18.84 25.63 30.81
C1 MAN C . -20.72 20.19 35.77
C2 MAN C . -22.08 19.44 36.04
C3 MAN C . -23.21 20.01 35.19
C4 MAN C . -23.26 21.54 35.30
C5 MAN C . -21.90 22.12 34.87
C6 MAN C . -21.86 23.64 34.93
O2 MAN C . -22.50 19.58 37.39
O3 MAN C . -24.48 19.46 35.55
O4 MAN C . -24.30 22.05 34.48
O5 MAN C . -20.88 21.61 35.75
O6 MAN C . -23.01 24.15 34.27
C1 NAG D . -33.03 -23.22 0.10
C2 NAG D . -33.13 -22.05 -0.88
C3 NAG D . -34.60 -21.62 -1.05
C4 NAG D . -35.49 -22.81 -1.38
C5 NAG D . -35.27 -23.93 -0.38
C6 NAG D . -36.01 -25.21 -0.72
C7 NAG D . -31.99 -19.90 -1.21
C8 NAG D . -31.16 -18.83 -0.58
N2 NAG D . -32.32 -20.93 -0.43
O3 NAG D . -34.68 -20.65 -2.10
O4 NAG D . -36.85 -22.40 -1.32
O5 NAG D . -33.88 -24.27 -0.31
O6 NAG D . -35.41 -25.89 -1.82
O7 NAG D . -32.35 -19.83 -2.39
C1 NAG D . -37.50 -22.49 -2.61
C2 NAG D . -39.02 -22.38 -2.43
C3 NAG D . -39.71 -22.37 -3.79
C4 NAG D . -39.12 -21.30 -4.69
C5 NAG D . -37.61 -21.50 -4.81
C6 NAG D . -36.92 -20.44 -5.63
C7 NAG D . -39.85 -23.28 -0.30
C8 NAG D . -40.36 -24.50 0.40
N2 NAG D . -39.53 -23.45 -1.59
O3 NAG D . -41.11 -22.16 -3.61
O4 NAG D . -39.72 -21.37 -5.99
O5 NAG D . -37.02 -21.46 -3.49
O6 NAG D . -37.18 -19.13 -5.12
O7 NAG D . -39.73 -22.20 0.26
C1 BMA D . -40.44 -20.14 -6.21
C2 BMA D . -40.58 -19.94 -7.75
C3 BMA D . -41.46 -18.71 -8.05
C4 BMA D . -42.79 -18.74 -7.23
C5 BMA D . -42.49 -18.97 -5.73
C6 BMA D . -43.76 -19.11 -4.88
O2 BMA D . -41.19 -21.06 -8.36
O3 BMA D . -41.72 -18.60 -9.46
O4 BMA D . -43.51 -17.53 -7.40
O5 BMA D . -41.73 -20.17 -5.59
O6 BMA D . -44.25 -20.44 -5.06
C1 MAN D . -41.30 -17.31 -9.96
C2 MAN D . -41.94 -17.11 -11.38
C3 MAN D . -41.17 -17.92 -12.44
C4 MAN D . -39.66 -17.62 -12.37
C5 MAN D . -39.14 -17.95 -10.96
C6 MAN D . -37.66 -17.66 -10.79
O2 MAN D . -41.85 -15.74 -11.80
O3 MAN D . -41.68 -17.67 -13.77
O4 MAN D . -38.96 -18.39 -13.34
O5 MAN D . -39.86 -17.17 -9.98
O6 MAN D . -37.39 -16.34 -11.27
C1 MAN D . -45.44 -20.65 -4.26
C2 MAN D . -45.78 -22.17 -4.29
C3 MAN D . -46.30 -22.58 -5.68
C4 MAN D . -47.45 -21.68 -6.14
C5 MAN D . -47.01 -20.21 -6.09
C6 MAN D . -48.14 -19.23 -6.40
O2 MAN D . -46.83 -22.49 -3.36
O3 MAN D . -46.72 -23.94 -5.71
O4 MAN D . -47.84 -22.04 -7.46
O5 MAN D . -46.53 -19.87 -4.76
O6 MAN D . -47.71 -17.92 -6.06
C1 NAG E . 12.20 21.55 -38.73
C2 NAG E . 12.14 22.01 -40.19
C3 NAG E . 12.08 23.53 -40.27
C4 NAG E . 10.91 24.06 -39.45
C5 NAG E . 10.92 23.50 -38.03
C6 NAG E . 9.66 23.82 -37.28
C7 NAG E . 14.51 21.87 -40.93
C8 NAG E . 15.47 21.15 -41.82
N2 NAG E . 13.24 21.45 -40.97
O3 NAG E . 11.98 23.95 -41.63
O4 NAG E . 10.96 25.48 -39.39
O5 NAG E . 11.05 22.07 -38.03
O6 NAG E . 8.55 23.10 -37.79
O7 NAG E . 14.87 22.80 -40.21
C1 NAG F . 18.89 24.82 -7.04
C2 NAG F . 18.63 25.95 -6.04
C3 NAG F . 19.45 27.18 -6.41
C4 NAG F . 20.93 26.80 -6.51
C5 NAG F . 21.12 25.63 -7.46
C6 NAG F . 22.54 25.11 -7.48
C7 NAG F . 16.44 25.99 -4.92
C8 NAG F . 15.00 26.41 -5.04
N2 NAG F . 17.21 26.29 -5.97
O3 NAG F . 19.27 28.19 -5.42
O4 NAG F . 21.69 27.91 -6.98
O5 NAG F . 20.29 24.53 -7.08
O6 NAG F . 22.81 24.28 -6.36
O7 NAG F . 16.87 25.39 -3.95
C1 NAG G . 35.98 21.23 -4.27
C2 NAG G . 35.97 22.59 -3.64
C3 NAG G . 35.20 23.55 -4.53
C4 NAG G . 35.81 23.58 -5.93
C5 NAG G . 36.06 22.17 -6.50
C6 NAG G . 37.01 22.18 -7.68
C7 NAG G . 36.16 22.45 -1.20
C8 NAG G . 35.42 22.41 0.11
N2 NAG G . 35.41 22.56 -2.31
O3 NAG G . 35.23 24.85 -3.95
O4 NAG G . 34.95 24.28 -6.81
O5 NAG G . 36.67 21.30 -5.52
O6 NAG G . 36.41 21.84 -8.92
O7 NAG G . 37.39 22.37 -1.25
C1 NAG H . 0.74 35.82 -18.29
C2 NAG H . 1.47 36.84 -17.39
C3 NAG H . 1.41 38.25 -17.99
C4 NAG H . 1.80 38.25 -19.46
C5 NAG H . 0.98 37.22 -20.22
C6 NAG H . 1.32 37.12 -21.69
C7 NAG H . 1.46 37.43 -15.00
C8 NAG H . 0.69 37.36 -13.71
N2 NAG H . 0.88 36.85 -16.06
O3 NAG H . 2.28 39.12 -17.27
O4 NAG H . 1.59 39.55 -20.02
O5 NAG H . 1.22 35.94 -19.64
O6 NAG H . 0.21 36.68 -22.45
O7 NAG H . 2.55 37.99 -15.07
#